data_7EWJ
#
_entry.id   7EWJ
#
_cell.length_a   164.509
_cell.length_b   164.509
_cell.length_c   232.209
_cell.angle_alpha   90.00
_cell.angle_beta   90.00
_cell.angle_gamma   90.00
#
_symmetry.space_group_name_H-M   'I 41 2 2'
#
loop_
_entity.id
_entity.type
_entity.pdbx_description
1 polymer 'Endoribonuclease MazF'
2 polymer 'PemI inhibitor'
3 non-polymer 'SULFATE ION'
4 non-polymer GLYCEROL
5 water water
#
loop_
_entity_poly.entity_id
_entity_poly.type
_entity_poly.pdbx_seq_one_letter_code
_entity_poly.pdbx_strand_id
1 'polypeptide(L)'
;RGSHMNIKQFDILYIDLNPTRGREKHNVRPCLVINNQMSIDGTNFVWVLPITTRGLRYPTDIQLKTKKGLVSGVIDTVQI
RALDLKARQYNYKDELQDNLKNDILKAIKTYLKPTL
;
A,B,D,E,G,H
2 'polypeptide(L)' KSIEDRIKNFFQSGGKYTELEVDWEERVGREI C,F,I
#
# COMPACT_ATOMS: atom_id res chain seq x y z
N ASN A 6 10.58 6.48 -6.46
CA ASN A 6 11.36 7.75 -6.63
C ASN A 6 10.61 8.68 -7.59
N ILE A 7 9.45 8.29 -8.10
CA ILE A 7 8.67 9.22 -8.95
C ILE A 7 7.33 9.39 -8.27
N LYS A 8 6.76 10.58 -8.27
CA LYS A 8 5.48 10.77 -7.61
C LYS A 8 4.58 11.58 -8.53
N GLN A 9 3.30 11.63 -8.20
CA GLN A 9 2.33 12.38 -8.98
C GLN A 9 2.74 13.84 -9.11
N PHE A 10 2.60 14.39 -10.31
CA PHE A 10 2.90 15.77 -10.67
C PHE A 10 4.39 16.07 -10.75
N ASP A 11 5.25 15.06 -10.70
CA ASP A 11 6.62 15.25 -11.16
C ASP A 11 6.64 15.52 -12.67
N ILE A 12 7.63 16.31 -13.09
CA ILE A 12 7.95 16.54 -14.50
C ILE A 12 9.26 15.81 -14.77
N LEU A 13 9.21 14.88 -15.73
CA LEU A 13 10.34 14.03 -16.14
C LEU A 13 10.70 14.37 -17.58
N TYR A 14 12.00 14.35 -17.89
CA TYR A 14 12.43 14.18 -19.28
C TYR A 14 12.38 12.69 -19.56
N ILE A 15 11.70 12.30 -20.67
CA ILE A 15 11.57 10.88 -21.02
C ILE A 15 12.04 10.69 -22.46
N ASP A 16 12.82 9.63 -22.74
CA ASP A 16 13.17 9.31 -24.13
C ASP A 16 11.94 8.70 -24.79
N LEU A 17 11.28 9.48 -25.64
CA LEU A 17 10.06 9.01 -26.27
C LEU A 17 10.32 8.16 -27.53
N ASN A 18 11.56 8.05 -27.99
CA ASN A 18 11.87 7.13 -29.10
C ASN A 18 13.22 6.47 -28.92
N PRO A 19 13.31 5.55 -27.96
CA PRO A 19 14.62 4.99 -27.61
C PRO A 19 15.19 4.05 -28.66
N THR A 20 14.38 3.32 -29.41
CA THR A 20 14.95 2.31 -30.31
C THR A 20 15.10 2.80 -31.74
N ARG A 21 14.47 3.90 -32.13
CA ARG A 21 14.52 4.38 -33.50
C ARG A 21 15.12 5.78 -33.59
N GLY A 22 15.79 6.04 -34.70
CA GLY A 22 16.16 7.40 -35.03
C GLY A 22 17.42 7.76 -34.28
N ARG A 23 17.69 9.05 -34.30
CA ARG A 23 18.90 9.59 -33.70
C ARG A 23 18.91 9.36 -32.19
N GLU A 24 20.12 9.30 -31.64
CA GLU A 24 20.27 8.96 -30.22
C GLU A 24 19.82 10.14 -29.35
N LYS A 25 18.90 9.86 -28.39
CA LYS A 25 18.43 10.87 -27.41
C LYS A 25 18.00 12.14 -28.12
N HIS A 26 17.29 11.96 -29.20
CA HIS A 26 16.83 13.07 -30.02
C HIS A 26 15.39 13.45 -29.72
N ASN A 27 14.57 12.53 -29.23
CA ASN A 27 13.19 12.86 -28.89
C ASN A 27 13.04 12.70 -27.39
N VAL A 28 13.71 13.55 -26.64
CA VAL A 28 13.70 13.48 -25.16
C VAL A 28 12.88 14.66 -24.70
N ARG A 29 11.64 14.43 -24.25
CA ARG A 29 10.71 15.53 -24.02
C ARG A 29 10.21 15.59 -22.57
N PRO A 30 9.80 16.78 -22.11
CA PRO A 30 9.21 16.91 -20.77
C PRO A 30 7.75 16.47 -20.75
N CYS A 31 7.43 15.69 -19.72
CA CYS A 31 6.14 15.07 -19.51
C CYS A 31 5.72 15.27 -18.06
N LEU A 32 4.43 15.57 -17.85
CA LEU A 32 3.85 15.71 -16.52
C LEU A 32 3.20 14.40 -16.08
N VAL A 33 3.72 13.80 -15.01
CA VAL A 33 3.19 12.57 -14.45
C VAL A 33 1.88 12.88 -13.74
N ILE A 34 0.80 12.15 -14.03
CA ILE A 34 -0.48 12.42 -13.40
C ILE A 34 -1.10 11.21 -12.71
N ASN A 35 -0.51 10.01 -12.81
CA ASN A 35 -1.10 8.97 -11.97
C ASN A 35 -0.45 8.98 -10.58
N ASN A 36 -1.09 8.30 -9.63
CA ASN A 36 -0.65 8.45 -8.25
C ASN A 36 0.41 7.45 -7.83
N GLN A 37 0.83 7.57 -6.58
CA GLN A 37 1.95 6.76 -6.05
C GLN A 37 1.66 5.27 -6.08
N MET A 38 0.48 4.84 -5.70
CA MET A 38 0.20 3.39 -5.73
C MET A 38 0.31 2.90 -7.17
N SER A 39 -0.24 3.64 -8.12
CA SER A 39 -0.23 3.23 -9.55
C SER A 39 1.20 3.14 -10.07
N ILE A 40 2.02 4.15 -9.84
CA ILE A 40 3.41 4.14 -10.32
C ILE A 40 4.16 2.95 -9.74
N ASP A 41 4.06 2.74 -8.41
CA ASP A 41 4.87 1.73 -7.75
C ASP A 41 4.36 0.33 -8.09
N GLY A 42 3.04 0.18 -8.18
CA GLY A 42 2.48 -1.12 -8.50
C GLY A 42 2.65 -1.56 -9.94
N THR A 43 2.64 -0.60 -10.91
CA THR A 43 2.73 -0.98 -12.34
C THR A 43 4.07 -0.68 -13.01
N ASN A 44 4.85 0.27 -12.46
CA ASN A 44 6.04 0.89 -13.07
C ASN A 44 5.71 1.54 -14.43
N PHE A 45 4.47 2.03 -14.60
CA PHE A 45 4.07 2.90 -15.69
C PHE A 45 3.78 4.27 -15.12
N VAL A 46 4.09 5.31 -15.87
CA VAL A 46 3.55 6.61 -15.54
C VAL A 46 2.47 6.94 -16.56
N TRP A 47 1.46 7.67 -16.10
CA TRP A 47 0.53 8.33 -16.99
C TRP A 47 1.05 9.74 -17.16
N VAL A 48 1.17 10.19 -18.40
CA VAL A 48 1.78 11.50 -18.62
C VAL A 48 0.93 12.32 -19.57
N LEU A 49 0.96 13.65 -19.32
CA LEU A 49 0.50 14.63 -20.26
C LEU A 49 1.70 15.32 -20.88
N PRO A 50 1.63 15.71 -22.16
CA PRO A 50 2.79 16.36 -22.80
C PRO A 50 2.92 17.82 -22.37
N ILE A 51 4.15 18.25 -22.13
CA ILE A 51 4.45 19.69 -21.97
C ILE A 51 5.01 20.18 -23.29
N THR A 52 4.30 21.09 -23.97
CA THR A 52 4.58 21.41 -25.36
C THR A 52 5.12 22.84 -25.45
N THR A 53 5.78 23.14 -26.57
CA THR A 53 6.31 24.47 -26.80
C THR A 53 5.42 25.32 -27.67
N ARG A 54 4.26 24.81 -28.09
CA ARG A 54 3.31 25.68 -28.78
C ARG A 54 2.68 26.64 -27.79
N GLY A 55 2.04 27.69 -28.30
CA GLY A 55 1.40 28.63 -27.40
C GLY A 55 0.07 28.10 -26.88
N LEU A 56 -0.46 28.78 -25.86
CA LEU A 56 -1.78 28.49 -25.32
C LEU A 56 -2.83 28.73 -26.39
N ARG A 57 -3.67 27.74 -26.67
CA ARG A 57 -4.68 27.88 -27.74
C ARG A 57 -6.10 27.54 -27.31
N TYR A 58 -6.27 26.73 -26.27
CA TYR A 58 -7.55 26.14 -25.90
C TYR A 58 -7.76 26.29 -24.41
N PRO A 59 -9.02 26.36 -23.98
CA PRO A 59 -9.32 26.28 -22.54
C PRO A 59 -8.90 24.98 -21.91
N THR A 60 -8.64 23.93 -22.71
CA THR A 60 -8.10 22.68 -22.17
C THR A 60 -6.60 22.80 -21.85
N ASP A 61 -5.92 23.80 -22.42
CA ASP A 61 -4.48 24.00 -22.19
C ASP A 61 -4.26 24.62 -20.83
N ILE A 62 -3.17 24.23 -20.14
CA ILE A 62 -2.77 24.88 -18.87
C ILE A 62 -1.31 25.32 -18.96
N GLN A 63 -1.07 26.62 -18.73
CA GLN A 63 0.30 27.11 -18.68
C GLN A 63 1.06 26.43 -17.55
N LEU A 64 2.23 25.83 -17.86
CA LEU A 64 3.00 25.14 -16.84
C LEU A 64 3.61 26.15 -15.87
N LYS A 65 3.49 25.86 -14.57
CA LYS A 65 4.27 26.55 -13.52
C LYS A 65 4.88 25.50 -12.63
N THR A 66 6.17 25.62 -12.33
CA THR A 66 6.86 24.57 -11.60
C THR A 66 7.53 25.15 -10.36
N LYS A 67 7.86 24.27 -9.42
CA LYS A 67 8.44 24.71 -8.16
C LYS A 67 9.87 25.28 -8.31
N LYS A 68 10.70 24.75 -9.20
CA LYS A 68 12.04 25.32 -9.35
C LYS A 68 12.21 26.17 -10.61
N GLY A 69 11.17 26.36 -11.41
CA GLY A 69 11.32 27.13 -12.64
C GLY A 69 12.22 26.52 -13.71
N LEU A 70 12.47 25.22 -13.66
CA LEU A 70 13.40 24.63 -14.61
C LEU A 70 12.75 24.15 -15.93
N VAL A 71 11.43 24.14 -16.06
CA VAL A 71 10.74 23.69 -17.27
C VAL A 71 9.59 24.65 -17.52
N SER A 72 9.45 25.04 -18.77
CA SER A 72 8.46 26.00 -19.22
C SER A 72 7.71 25.39 -20.41
N GLY A 73 6.44 25.74 -20.59
CA GLY A 73 5.65 25.29 -21.73
C GLY A 73 4.17 25.20 -21.43
N VAL A 74 3.43 24.52 -22.33
CA VAL A 74 1.98 24.41 -22.22
C VAL A 74 1.61 22.94 -22.01
N ILE A 75 0.86 22.66 -20.94
CA ILE A 75 0.34 21.30 -20.69
C ILE A 75 -0.89 21.13 -21.58
N ASP A 76 -0.87 20.12 -22.43
CA ASP A 76 -2.04 19.78 -23.24
C ASP A 76 -2.78 18.66 -22.52
N THR A 77 -3.92 18.98 -21.90
CA THR A 77 -4.59 17.98 -21.09
C THR A 77 -5.40 16.99 -21.92
N VAL A 78 -5.51 17.21 -23.23
CA VAL A 78 -6.32 16.34 -24.09
C VAL A 78 -5.59 15.05 -24.46
N GLN A 79 -4.26 15.04 -24.46
CA GLN A 79 -3.51 13.86 -24.89
C GLN A 79 -2.81 13.22 -23.70
N ILE A 80 -2.92 11.92 -23.57
CA ILE A 80 -2.46 11.22 -22.38
C ILE A 80 -1.86 9.92 -22.87
N ARG A 81 -0.82 9.46 -22.18
CA ARG A 81 -0.33 8.17 -22.56
C ARG A 81 0.25 7.48 -21.33
N ALA A 82 0.36 6.16 -21.39
CA ALA A 82 0.94 5.37 -20.30
C ALA A 82 2.29 4.83 -20.75
N LEU A 83 3.36 5.21 -20.08
CA LEU A 83 4.70 4.83 -20.52
C LEU A 83 5.36 3.89 -19.52
N ASP A 84 6.06 2.90 -20.04
CA ASP A 84 6.71 1.86 -19.22
C ASP A 84 8.11 2.35 -18.81
N LEU A 85 8.28 2.78 -17.56
CA LEU A 85 9.59 3.37 -17.17
C LEU A 85 10.64 2.31 -16.89
N LYS A 86 10.26 1.03 -16.86
CA LYS A 86 11.27 -0.03 -16.91
C LYS A 86 11.95 -0.08 -18.26
N ALA A 87 11.34 0.46 -19.32
CA ALA A 87 11.90 0.34 -20.65
C ALA A 87 12.38 1.64 -21.24
N ARG A 88 12.20 2.76 -20.57
CA ARG A 88 12.57 4.04 -21.15
C ARG A 88 13.49 4.79 -20.19
N GLN A 89 14.52 5.45 -20.70
CA GLN A 89 15.32 6.32 -19.87
C GLN A 89 14.54 7.58 -19.54
N TYR A 90 14.67 8.01 -18.29
CA TYR A 90 13.93 9.18 -17.85
C TYR A 90 14.75 9.89 -16.77
N ASN A 91 14.44 11.16 -16.58
CA ASN A 91 15.09 11.88 -15.49
C ASN A 91 14.13 12.86 -14.85
N TYR A 92 14.01 12.79 -13.52
CA TYR A 92 13.23 13.77 -12.80
C TYR A 92 13.86 15.13 -13.05
N LYS A 93 13.05 16.12 -13.35
CA LYS A 93 13.60 17.43 -13.61
C LYS A 93 12.99 18.50 -12.71
N ASP A 94 11.70 18.43 -12.42
CA ASP A 94 11.02 19.49 -11.68
C ASP A 94 9.67 18.94 -11.22
N GLU A 95 8.83 19.81 -10.68
CA GLU A 95 7.53 19.33 -10.26
C GLU A 95 6.52 20.45 -10.35
N LEU A 96 5.26 20.06 -10.51
CA LEU A 96 4.22 21.04 -10.73
C LEU A 96 4.01 21.88 -9.46
N GLN A 97 3.67 23.17 -9.63
CA GLN A 97 3.27 23.93 -8.47
C GLN A 97 1.97 23.41 -7.88
N ASP A 98 1.84 23.50 -6.55
CA ASP A 98 0.72 22.91 -5.84
C ASP A 98 -0.60 23.49 -6.30
N ASN A 99 -0.62 24.81 -6.59
CA ASN A 99 -1.85 25.53 -6.92
C ASN A 99 -2.41 25.14 -8.31
N LEU A 100 -1.67 24.39 -9.14
CA LEU A 100 -2.20 23.94 -10.43
C LEU A 100 -2.72 22.51 -10.41
N LYS A 101 -2.40 21.75 -9.36
CA LYS A 101 -2.66 20.31 -9.36
C LYS A 101 -4.14 20.00 -9.50
N ASN A 102 -4.98 20.76 -8.79
CA ASN A 102 -6.40 20.46 -8.80
C ASN A 102 -7.00 20.75 -10.17
N ASP A 103 -6.56 21.86 -10.80
CA ASP A 103 -6.98 22.16 -12.18
C ASP A 103 -6.68 21.02 -13.15
N ILE A 104 -5.48 20.42 -13.03
CA ILE A 104 -5.10 19.29 -13.89
C ILE A 104 -6.09 18.16 -13.72
N LEU A 105 -6.34 17.77 -12.47
CA LEU A 105 -7.21 16.62 -12.25
C LEU A 105 -8.65 16.93 -12.62
N LYS A 106 -9.09 18.18 -12.42
CA LYS A 106 -10.46 18.53 -12.80
C LYS A 106 -10.62 18.59 -14.31
N ALA A 107 -9.59 19.00 -15.05
CA ALA A 107 -9.71 18.93 -16.51
C ALA A 107 -9.87 17.49 -16.97
N ILE A 108 -9.06 16.57 -16.43
CA ILE A 108 -9.14 15.17 -16.85
C ILE A 108 -10.53 14.61 -16.58
N LYS A 109 -11.06 14.88 -15.39
CA LYS A 109 -12.39 14.40 -15.01
C LYS A 109 -13.46 14.90 -15.96
N THR A 110 -13.27 16.11 -16.48
CA THR A 110 -14.22 16.67 -17.43
C THR A 110 -14.25 15.88 -18.74
N TYR A 111 -13.18 15.13 -19.09
CA TYR A 111 -13.20 14.27 -20.29
C TYR A 111 -13.79 12.90 -20.02
N LEU A 112 -13.94 12.51 -18.76
CA LEU A 112 -14.34 11.16 -18.40
C LEU A 112 -15.79 11.06 -17.94
N LYS A 113 -16.29 12.07 -17.28
CA LYS A 113 -17.67 12.07 -16.80
C LYS A 113 -18.66 11.91 -17.96
N PRO A 114 -19.59 10.95 -17.89
CA PRO A 114 -20.52 10.74 -19.02
C PRO A 114 -21.28 12.00 -19.41
N THR A 115 -21.31 12.26 -20.72
CA THR A 115 -22.13 13.35 -21.31
C THR A 115 -23.54 12.79 -21.53
N MET B 5 -19.71 5.86 -39.05
CA MET B 5 -18.35 5.91 -38.51
C MET B 5 -18.25 6.82 -37.24
N ASN B 6 -19.38 7.02 -36.55
CA ASN B 6 -19.42 7.87 -35.37
C ASN B 6 -19.33 7.00 -34.11
N ILE B 7 -18.65 7.52 -33.08
CA ILE B 7 -18.14 6.76 -31.95
C ILE B 7 -18.71 7.33 -30.65
N LYS B 8 -19.01 6.47 -29.67
CA LYS B 8 -19.48 6.98 -28.38
C LYS B 8 -18.68 6.37 -27.23
N GLN B 9 -18.80 7.00 -26.05
CA GLN B 9 -18.19 6.45 -24.84
C GLN B 9 -18.63 5.00 -24.61
N PHE B 10 -17.65 4.13 -24.36
CA PHE B 10 -17.82 2.73 -24.01
C PHE B 10 -18.08 1.86 -25.23
N ASP B 11 -17.96 2.40 -26.44
CA ASP B 11 -17.81 1.54 -27.62
C ASP B 11 -16.49 0.80 -27.59
N ILE B 12 -16.51 -0.38 -28.20
CA ILE B 12 -15.31 -1.16 -28.46
C ILE B 12 -15.01 -1.02 -29.95
N LEU B 13 -13.82 -0.51 -30.26
CA LEU B 13 -13.34 -0.33 -31.64
C LEU B 13 -12.14 -1.19 -31.88
N TYR B 14 -11.97 -1.59 -33.14
CA TYR B 14 -10.68 -2.09 -33.58
C TYR B 14 -9.96 -0.90 -34.20
N ILE B 15 -8.75 -0.62 -33.74
CA ILE B 15 -8.05 0.61 -34.08
C ILE B 15 -6.65 0.18 -34.42
N ASP B 16 -6.08 0.78 -35.47
CA ASP B 16 -4.67 0.62 -35.80
C ASP B 16 -3.81 1.34 -34.75
N LEU B 17 -3.09 0.60 -33.92
CA LEU B 17 -2.30 1.17 -32.84
C LEU B 17 -0.86 1.41 -33.26
N ASN B 18 -0.51 1.04 -34.47
CA ASN B 18 0.87 1.14 -34.93
C ASN B 18 1.24 2.58 -35.27
N PRO B 19 2.54 2.88 -35.30
CA PRO B 19 2.97 4.23 -35.68
C PRO B 19 2.53 4.53 -37.10
N THR B 20 2.14 5.78 -37.31
CA THR B 20 1.63 6.31 -38.59
C THR B 20 2.74 6.34 -39.64
N ARG B 21 4.00 6.22 -39.24
CA ARG B 21 5.10 6.40 -40.21
C ARG B 21 6.18 5.32 -40.07
N GLY B 22 6.79 4.95 -41.21
CA GLY B 22 7.91 3.99 -41.32
C GLY B 22 7.55 2.60 -40.84
N ARG B 23 6.29 2.23 -41.04
CA ARG B 23 5.65 1.02 -40.49
C ARG B 23 5.11 0.07 -41.55
N GLU B 24 5.39 -1.22 -41.50
CA GLU B 24 4.55 -1.95 -42.45
C GLU B 24 3.31 -2.50 -41.76
N LYS B 25 3.39 -2.60 -40.43
CA LYS B 25 2.42 -3.30 -39.59
C LYS B 25 1.13 -2.45 -39.50
N HIS B 26 -0.01 -3.08 -39.85
CA HIS B 26 -1.24 -2.30 -39.96
C HIS B 26 -2.42 -3.08 -39.36
N ASN B 27 -2.17 -4.09 -38.55
CA ASN B 27 -3.28 -4.80 -37.91
C ASN B 27 -3.97 -3.87 -36.91
N VAL B 28 -5.25 -4.10 -36.71
CA VAL B 28 -6.02 -3.37 -35.73
C VAL B 28 -6.18 -4.21 -34.44
N ARG B 29 -6.34 -3.53 -33.31
CA ARG B 29 -6.54 -4.17 -32.01
C ARG B 29 -7.78 -3.64 -31.33
N PRO B 30 -8.49 -4.48 -30.58
CA PRO B 30 -9.70 -3.99 -29.91
C PRO B 30 -9.36 -3.07 -28.72
N CYS B 31 -10.11 -2.00 -28.58
CA CYS B 31 -9.88 -1.00 -27.54
C CYS B 31 -11.22 -0.55 -27.02
N LEU B 32 -11.29 -0.27 -25.72
CA LEU B 32 -12.48 0.34 -25.12
C LEU B 32 -12.30 1.86 -25.08
N VAL B 33 -13.29 2.58 -25.61
CA VAL B 33 -13.29 4.05 -25.53
C VAL B 33 -13.82 4.50 -24.18
N ILE B 34 -13.10 5.38 -23.48
CA ILE B 34 -13.53 5.81 -22.15
C ILE B 34 -13.74 7.30 -22.03
N ASN B 35 -13.40 8.12 -23.04
CA ASN B 35 -13.74 9.52 -22.85
C ASN B 35 -15.17 9.75 -23.29
N ASN B 36 -15.68 10.91 -22.92
CA ASN B 36 -17.10 11.14 -23.05
C ASN B 36 -17.41 11.77 -24.43
N GLN B 37 -18.72 11.81 -24.73
CA GLN B 37 -19.19 12.27 -26.04
C GLN B 37 -18.77 13.71 -26.30
N MET B 38 -18.81 14.56 -25.27
CA MET B 38 -18.43 15.94 -25.47
C MET B 38 -17.00 16.04 -25.99
N SER B 39 -16.07 15.22 -25.44
CA SER B 39 -14.68 15.37 -25.81
C SER B 39 -14.38 14.61 -27.11
N ILE B 40 -15.03 13.46 -27.35
CA ILE B 40 -14.92 12.82 -28.66
C ILE B 40 -15.31 13.80 -29.77
N ASP B 41 -16.48 14.43 -29.64
CA ASP B 41 -16.94 15.34 -30.69
C ASP B 41 -16.09 16.59 -30.75
N GLY B 42 -15.60 17.06 -29.62
CA GLY B 42 -14.84 18.30 -29.65
C GLY B 42 -13.39 18.15 -30.12
N THR B 43 -12.82 16.95 -30.08
CA THR B 43 -11.38 16.78 -30.32
C THR B 43 -11.06 15.78 -31.42
N ASN B 44 -11.98 14.89 -31.80
CA ASN B 44 -11.67 13.74 -32.68
C ASN B 44 -10.68 12.77 -32.09
N PHE B 45 -10.37 12.88 -30.78
CA PHE B 45 -9.54 11.87 -30.14
C PHE B 45 -10.43 10.94 -29.33
N VAL B 46 -10.01 9.69 -29.23
CA VAL B 46 -10.53 8.78 -28.22
C VAL B 46 -9.43 8.51 -27.21
N TRP B 47 -9.84 8.42 -25.95
CA TRP B 47 -9.05 7.83 -24.90
C TRP B 47 -9.44 6.37 -24.81
N VAL B 48 -8.49 5.46 -24.90
CA VAL B 48 -8.87 4.06 -24.93
C VAL B 48 -8.08 3.30 -23.89
N LEU B 49 -8.66 2.18 -23.47
CA LEU B 49 -7.93 1.12 -22.76
C LEU B 49 -7.85 -0.09 -23.67
N PRO B 50 -6.71 -0.75 -23.80
CA PRO B 50 -6.62 -1.84 -24.76
C PRO B 50 -7.22 -3.11 -24.20
N ILE B 51 -7.75 -3.95 -25.11
CA ILE B 51 -8.30 -5.24 -24.74
C ILE B 51 -7.32 -6.30 -25.19
N THR B 52 -6.99 -7.22 -24.31
CA THR B 52 -5.92 -8.15 -24.59
C THR B 52 -6.41 -9.56 -24.32
N THR B 53 -5.86 -10.53 -25.05
CA THR B 53 -6.42 -11.89 -25.08
C THR B 53 -5.58 -12.72 -24.14
N ARG B 54 -5.85 -12.52 -22.85
CA ARG B 54 -5.41 -13.39 -21.76
C ARG B 54 -6.59 -13.62 -20.81
N GLY B 55 -6.36 -14.39 -19.71
CA GLY B 55 -7.22 -14.34 -18.55
C GLY B 55 -6.79 -13.27 -17.56
N LEU B 56 -7.64 -13.05 -16.55
CA LEU B 56 -7.32 -12.15 -15.46
C LEU B 56 -5.95 -12.48 -14.88
N ARG B 57 -5.04 -11.55 -14.93
CA ARG B 57 -3.84 -11.79 -14.19
C ARG B 57 -3.67 -10.71 -13.17
N TYR B 58 -3.73 -9.52 -13.59
CA TYR B 58 -3.30 -8.40 -12.80
C TYR B 58 -4.50 -7.85 -12.07
N PRO B 59 -4.25 -7.24 -10.91
CA PRO B 59 -5.34 -6.60 -10.16
C PRO B 59 -5.99 -5.46 -10.92
N THR B 60 -5.29 -4.88 -11.89
CA THR B 60 -5.82 -3.79 -12.71
C THR B 60 -6.65 -4.29 -13.90
N ASP B 61 -6.61 -5.58 -14.19
CA ASP B 61 -7.39 -6.19 -15.31
C ASP B 61 -8.87 -6.23 -14.98
N ILE B 62 -9.72 -5.92 -15.97
CA ILE B 62 -11.17 -6.09 -15.83
C ILE B 62 -11.65 -6.99 -16.96
N GLN B 63 -12.43 -8.02 -16.61
CA GLN B 63 -12.90 -8.93 -17.66
C GLN B 63 -13.90 -8.21 -18.55
N LEU B 64 -13.67 -8.30 -19.86
CA LEU B 64 -14.55 -7.64 -20.82
C LEU B 64 -15.90 -8.36 -20.89
N LYS B 65 -16.97 -7.60 -20.82
CA LYS B 65 -18.28 -8.11 -21.21
C LYS B 65 -18.96 -7.06 -22.08
N THR B 66 -19.49 -7.52 -23.23
CA THR B 66 -20.09 -6.68 -24.25
C THR B 66 -21.57 -7.01 -24.50
N LYS B 67 -22.25 -6.07 -25.15
CA LYS B 67 -23.67 -6.25 -25.38
C LYS B 67 -23.95 -7.28 -26.47
N LYS B 68 -23.06 -7.41 -27.46
CA LYS B 68 -23.39 -8.30 -28.56
C LYS B 68 -22.50 -9.54 -28.51
N GLY B 69 -21.60 -9.63 -27.52
CA GLY B 69 -20.79 -10.81 -27.35
C GLY B 69 -19.71 -11.02 -28.40
N LEU B 70 -19.37 -9.98 -29.19
CA LEU B 70 -18.45 -10.14 -30.34
C LEU B 70 -16.97 -10.01 -30.00
N VAL B 71 -16.62 -9.41 -28.88
CA VAL B 71 -15.22 -9.25 -28.50
C VAL B 71 -15.06 -9.81 -27.11
N SER B 72 -13.98 -10.54 -26.88
CA SER B 72 -13.70 -11.08 -25.56
C SER B 72 -12.25 -10.78 -25.18
N GLY B 73 -11.97 -10.87 -23.88
CA GLY B 73 -10.63 -10.66 -23.39
C GLY B 73 -10.66 -9.86 -22.09
N VAL B 74 -9.51 -9.28 -21.77
CA VAL B 74 -9.30 -8.51 -20.55
C VAL B 74 -9.07 -7.04 -20.90
N ILE B 75 -9.78 -6.13 -20.24
CA ILE B 75 -9.46 -4.71 -20.31
C ILE B 75 -8.26 -4.42 -19.42
N ASP B 76 -7.16 -3.97 -20.04
CA ASP B 76 -5.95 -3.53 -19.31
C ASP B 76 -6.11 -2.06 -18.91
N THR B 77 -6.59 -1.79 -17.68
CA THR B 77 -6.90 -0.40 -17.29
C THR B 77 -5.64 0.44 -17.07
N VAL B 78 -4.47 -0.16 -17.07
CA VAL B 78 -3.26 0.65 -16.84
C VAL B 78 -2.90 1.44 -18.12
N GLN B 79 -3.17 0.90 -19.30
CA GLN B 79 -2.48 1.38 -20.50
C GLN B 79 -3.36 2.35 -21.31
N ILE B 80 -3.79 3.40 -20.63
CA ILE B 80 -4.60 4.43 -21.25
C ILE B 80 -3.81 5.14 -22.36
N ARG B 81 -4.53 5.62 -23.39
CA ARG B 81 -3.88 6.24 -24.54
C ARG B 81 -4.87 7.13 -25.28
N ALA B 82 -4.43 8.33 -25.66
CA ALA B 82 -5.24 9.21 -26.48
C ALA B 82 -4.86 8.98 -27.94
N LEU B 83 -5.86 8.67 -28.78
CA LEU B 83 -5.61 8.38 -30.20
C LEU B 83 -6.44 9.31 -31.08
N ASP B 84 -5.83 9.81 -32.15
CA ASP B 84 -6.52 10.69 -33.12
C ASP B 84 -7.30 9.83 -34.11
N LEU B 85 -8.65 9.84 -34.05
CA LEU B 85 -9.44 9.03 -35.01
C LEU B 85 -9.25 9.48 -36.47
N LYS B 86 -8.81 10.69 -36.71
CA LYS B 86 -8.53 11.11 -38.09
C LYS B 86 -7.23 10.53 -38.62
N ALA B 87 -6.41 9.89 -37.78
CA ALA B 87 -5.06 9.51 -38.21
C ALA B 87 -4.90 8.02 -38.32
N ARG B 88 -5.92 7.25 -37.92
CA ARG B 88 -5.76 5.81 -37.80
C ARG B 88 -7.00 5.09 -38.31
N GLN B 89 -6.80 3.93 -38.97
CA GLN B 89 -7.95 3.07 -39.30
C GLN B 89 -8.67 2.67 -38.02
N TYR B 90 -10.00 2.82 -37.99
CA TYR B 90 -10.76 2.25 -36.88
C TYR B 90 -12.11 1.77 -37.38
N ASN B 91 -12.70 0.89 -36.58
CA ASN B 91 -13.94 0.18 -36.90
C ASN B 91 -14.70 -0.06 -35.61
N TYR B 92 -15.91 0.50 -35.45
CA TYR B 92 -16.83 0.06 -34.41
C TYR B 92 -17.10 -1.44 -34.47
N LYS B 93 -17.07 -2.12 -33.29
CA LYS B 93 -17.40 -3.56 -33.28
C LYS B 93 -18.44 -3.93 -32.24
N ASP B 94 -18.38 -3.38 -31.04
CA ASP B 94 -19.31 -3.77 -29.98
C ASP B 94 -19.39 -2.63 -28.98
N GLU B 95 -20.06 -2.88 -27.85
CA GLU B 95 -20.27 -1.90 -26.77
C GLU B 95 -20.16 -2.61 -25.44
N LEU B 96 -19.58 -1.92 -24.45
CA LEU B 96 -19.54 -2.41 -23.09
C LEU B 96 -20.94 -2.60 -22.52
N GLN B 97 -21.15 -3.72 -21.81
CA GLN B 97 -22.38 -3.85 -21.03
C GLN B 97 -22.54 -2.70 -20.03
N ASP B 98 -23.80 -2.26 -19.86
CA ASP B 98 -24.08 -1.12 -18.99
C ASP B 98 -23.56 -1.36 -17.57
N ASN B 99 -23.61 -2.60 -17.10
CA ASN B 99 -23.27 -2.90 -15.71
C ASN B 99 -21.79 -2.79 -15.42
N LEU B 100 -20.94 -2.60 -16.43
CA LEU B 100 -19.51 -2.44 -16.21
C LEU B 100 -19.04 -0.99 -16.31
N LYS B 101 -19.90 -0.09 -16.79
CA LYS B 101 -19.51 1.28 -17.09
C LYS B 101 -18.99 2.03 -15.85
N ASN B 102 -19.74 2.05 -14.75
CA ASN B 102 -19.19 2.65 -13.52
C ASN B 102 -17.93 1.98 -13.00
N ASP B 103 -17.82 0.65 -13.07
CA ASP B 103 -16.58 0.03 -12.65
C ASP B 103 -15.36 0.57 -13.42
N ILE B 104 -15.48 0.74 -14.74
CA ILE B 104 -14.37 1.28 -15.54
C ILE B 104 -13.95 2.65 -15.01
N LEU B 105 -14.93 3.55 -14.85
CA LEU B 105 -14.60 4.92 -14.49
C LEU B 105 -14.06 4.98 -13.08
N LYS B 106 -14.58 4.13 -12.19
CA LYS B 106 -14.05 4.06 -10.83
C LYS B 106 -12.63 3.58 -10.84
N ALA B 107 -12.33 2.58 -11.68
CA ALA B 107 -10.95 2.13 -11.75
C ALA B 107 -10.03 3.26 -12.21
N ILE B 108 -10.48 4.06 -13.19
CA ILE B 108 -9.64 5.14 -13.70
C ILE B 108 -9.43 6.20 -12.61
N LYS B 109 -10.51 6.61 -11.92
CA LYS B 109 -10.34 7.56 -10.84
C LYS B 109 -9.38 7.08 -9.75
N THR B 110 -9.35 5.78 -9.49
CA THR B 110 -8.45 5.21 -8.50
C THR B 110 -7.01 5.59 -8.79
N TYR B 111 -6.64 5.73 -10.08
CA TYR B 111 -5.25 5.95 -10.41
C TYR B 111 -4.90 7.41 -10.40
N LEU B 112 -5.90 8.27 -10.51
CA LEU B 112 -5.71 9.72 -10.51
C LEU B 112 -5.85 10.35 -9.12
N LYS B 113 -6.49 9.65 -8.17
CA LYS B 113 -6.81 10.23 -6.85
C LYS B 113 -5.54 10.63 -6.13
N PRO B 114 -5.37 11.88 -5.76
CA PRO B 114 -4.09 12.31 -5.16
C PRO B 114 -3.96 11.90 -3.69
N THR B 115 -2.75 12.08 -3.14
CA THR B 115 -2.48 11.74 -1.73
C THR B 115 -1.66 12.85 -1.07
N LEU B 116 -1.79 12.96 0.25
CA LEU B 116 -1.01 13.95 1.03
C LEU B 116 0.49 13.71 0.71
N LYS C 1 -13.92 31.76 -12.85
CA LYS C 1 -14.68 30.66 -13.47
C LYS C 1 -13.93 29.32 -13.37
N SER C 2 -14.64 28.25 -13.00
CA SER C 2 -14.03 26.93 -12.92
C SER C 2 -13.55 26.40 -14.28
N ILE C 3 -12.49 25.58 -14.25
CA ILE C 3 -11.91 25.11 -15.51
C ILE C 3 -12.84 24.09 -16.18
N GLU C 4 -13.51 23.27 -15.39
CA GLU C 4 -14.47 22.34 -15.98
C GLU C 4 -15.64 23.05 -16.64
N ASP C 5 -16.10 24.17 -16.07
CA ASP C 5 -17.14 24.95 -16.72
C ASP C 5 -16.61 25.53 -18.02
N ARG C 6 -15.40 26.07 -17.96
CA ARG C 6 -14.77 26.72 -19.13
C ARG C 6 -14.57 25.69 -20.25
N ILE C 7 -14.13 24.50 -19.90
CA ILE C 7 -13.96 23.45 -20.92
C ILE C 7 -15.32 23.06 -21.49
N LYS C 8 -16.30 22.83 -20.62
CA LYS C 8 -17.61 22.43 -21.10
C LYS C 8 -18.23 23.52 -21.96
N ASN C 9 -18.16 24.79 -21.51
CA ASN C 9 -18.73 25.86 -22.31
C ASN C 9 -18.02 25.96 -23.65
N PHE C 10 -16.70 25.80 -23.67
CA PHE C 10 -15.94 25.83 -24.92
C PHE C 10 -16.51 24.81 -25.91
N PHE C 11 -16.60 23.55 -25.47
CA PHE C 11 -17.08 22.54 -26.39
C PHE C 11 -18.55 22.74 -26.77
N GLN C 12 -19.38 23.18 -25.82
CA GLN C 12 -20.81 23.32 -26.15
C GLN C 12 -21.07 24.47 -27.13
N SER C 13 -20.24 25.52 -27.12
CA SER C 13 -20.34 26.58 -28.13
C SER C 13 -19.90 26.15 -29.53
N GLY C 14 -19.22 25.03 -29.67
CA GLY C 14 -18.71 24.60 -30.96
C GLY C 14 -17.19 24.73 -31.09
N GLY C 15 -16.50 25.10 -30.03
CA GLY C 15 -15.04 25.10 -30.05
C GLY C 15 -14.51 23.71 -30.37
N LYS C 16 -13.39 23.69 -31.11
CA LYS C 16 -12.78 22.45 -31.58
C LYS C 16 -11.31 22.47 -31.18
N TYR C 17 -10.83 21.36 -30.60
CA TYR C 17 -9.40 21.06 -30.48
C TYR C 17 -8.94 20.40 -31.77
N THR C 18 -7.88 20.93 -32.41
CA THR C 18 -7.51 20.43 -33.72
C THR C 18 -6.04 20.03 -33.80
N GLU C 19 -5.40 19.65 -32.70
CA GLU C 19 -4.00 19.27 -32.79
C GLU C 19 -3.85 17.85 -33.34
N LEU C 20 -2.69 17.57 -33.92
CA LEU C 20 -2.35 16.19 -34.23
C LEU C 20 -1.82 15.47 -32.97
N GLU C 21 -1.66 14.16 -33.04
CA GLU C 21 -1.04 13.40 -31.92
C GLU C 21 0.34 13.96 -31.64
N VAL C 22 0.70 14.11 -30.36
CA VAL C 22 2.05 14.57 -30.03
C VAL C 22 3.02 13.44 -30.39
N ASP C 23 4.30 13.71 -30.29
CA ASP C 23 5.38 12.91 -30.87
C ASP C 23 5.82 11.77 -29.93
N TRP C 24 4.87 10.93 -29.56
CA TRP C 24 5.04 9.73 -28.74
C TRP C 24 4.38 8.46 -29.29
N GLU C 25 4.53 8.23 -30.59
CA GLU C 25 3.91 7.11 -31.29
C GLU C 25 4.49 5.76 -30.93
N GLU C 26 5.78 5.69 -30.64
CA GLU C 26 6.42 4.39 -30.51
C GLU C 26 6.08 3.73 -29.19
N ARG C 27 5.99 2.40 -29.20
CA ARG C 27 5.74 1.58 -28.01
C ARG C 27 6.96 0.70 -27.73
N VAL C 28 7.39 0.64 -26.45
CA VAL C 28 8.53 -0.20 -26.05
C VAL C 28 8.14 -0.97 -24.78
N GLY C 29 8.97 -1.95 -24.40
CA GLY C 29 8.73 -2.67 -23.14
C GLY C 29 7.37 -3.35 -23.13
N ARG C 30 6.62 -3.11 -22.07
CA ARG C 30 5.32 -3.74 -21.91
C ARG C 30 4.19 -2.92 -22.53
N GLU C 31 4.50 -1.83 -23.22
CA GLU C 31 3.45 -0.96 -23.75
C GLU C 31 2.73 -1.66 -24.90
N ILE C 32 1.39 -1.56 -24.92
CA ILE C 32 0.60 -2.25 -25.96
C ILE C 32 -0.45 -1.33 -26.63
N ASN D 6 10.33 -2.88 -4.70
CA ASN D 6 11.54 -3.70 -4.69
C ASN D 6 11.25 -5.18 -4.98
N ILE D 7 10.39 -5.83 -4.20
CA ILE D 7 10.06 -7.23 -4.42
C ILE D 7 8.59 -7.30 -4.80
N LYS D 8 8.27 -8.05 -5.85
CA LYS D 8 6.88 -8.28 -6.21
C LYS D 8 6.57 -9.77 -6.34
N GLN D 9 5.29 -10.07 -6.49
CA GLN D 9 4.86 -11.44 -6.65
C GLN D 9 5.47 -12.06 -7.89
N PHE D 10 5.91 -13.29 -7.74
CA PHE D 10 6.54 -14.11 -8.76
C PHE D 10 7.95 -13.65 -9.13
N ASP D 11 8.55 -12.74 -8.36
CA ASP D 11 10.00 -12.60 -8.41
C ASP D 11 10.72 -13.88 -7.96
N ILE D 12 11.90 -14.13 -8.55
CA ILE D 12 12.85 -15.14 -8.09
C ILE D 12 14.00 -14.45 -7.35
N LEU D 13 14.17 -14.81 -6.07
CA LEU D 13 15.17 -14.20 -5.19
C LEU D 13 16.18 -15.27 -4.75
N TYR D 14 17.45 -14.86 -4.62
CA TYR D 14 18.41 -15.60 -3.80
C TYR D 14 18.21 -15.15 -2.36
N ILE D 15 18.04 -16.11 -1.43
CA ILE D 15 17.80 -15.79 -0.02
C ILE D 15 18.77 -16.61 0.82
N ASP D 16 19.41 -15.97 1.81
CA ASP D 16 20.24 -16.72 2.74
C ASP D 16 19.30 -17.50 3.67
N LEU D 17 19.25 -18.82 3.50
CA LEU D 17 18.37 -19.63 4.32
C LEU D 17 19.00 -20.00 5.65
N ASN D 18 20.27 -19.70 5.90
CA ASN D 18 20.86 -19.99 7.21
C ASN D 18 21.82 -18.89 7.61
N PRO D 19 21.30 -17.71 7.95
CA PRO D 19 22.19 -16.58 8.19
C PRO D 19 23.00 -16.67 9.46
N THR D 20 22.50 -17.31 10.52
CA THR D 20 23.23 -17.28 11.78
C THR D 20 24.12 -18.50 11.97
N ARG D 21 23.97 -19.55 11.17
CA ARG D 21 24.70 -20.79 11.45
C ARG D 21 25.51 -21.22 10.25
N GLY D 22 26.62 -21.87 10.51
CA GLY D 22 27.34 -22.54 9.46
C GLY D 22 28.24 -21.54 8.75
N ARG D 23 28.73 -21.99 7.63
CA ARG D 23 29.64 -21.19 6.82
C ARG D 23 28.94 -19.95 6.25
N GLU D 24 29.72 -18.91 5.99
CA GLU D 24 29.12 -17.64 5.58
C GLU D 24 28.55 -17.75 4.16
N LYS D 25 27.29 -17.33 3.98
CA LYS D 25 26.63 -17.35 2.65
C LYS D 25 26.77 -18.69 1.96
N HIS D 26 26.65 -19.74 2.73
CA HIS D 26 26.76 -21.09 2.22
C HIS D 26 25.42 -21.66 1.78
N ASN D 27 24.32 -21.20 2.35
CA ASN D 27 23.03 -21.79 2.03
C ASN D 27 22.17 -20.70 1.43
N VAL D 28 22.57 -20.19 0.25
CA VAL D 28 21.87 -19.07 -0.40
C VAL D 28 21.19 -19.64 -1.64
N ARG D 29 19.86 -19.74 -1.59
CA ARG D 29 19.18 -20.57 -2.57
C ARG D 29 18.11 -19.76 -3.31
N PRO D 30 17.82 -20.15 -4.55
CA PRO D 30 16.73 -19.50 -5.31
C PRO D 30 15.35 -19.93 -4.81
N CYS D 31 14.48 -18.93 -4.65
CA CYS D 31 13.12 -19.10 -4.15
C CYS D 31 12.16 -18.28 -5.01
N LEU D 32 10.98 -18.83 -5.27
CA LEU D 32 9.91 -18.15 -6.01
C LEU D 32 8.93 -17.54 -5.01
N VAL D 33 8.79 -16.23 -5.07
CA VAL D 33 7.89 -15.47 -4.20
C VAL D 33 6.45 -15.61 -4.73
N ILE D 34 5.51 -15.99 -3.86
CA ILE D 34 4.17 -16.20 -4.40
C ILE D 34 3.08 -15.43 -3.67
N ASN D 35 3.39 -14.74 -2.56
CA ASN D 35 2.33 -13.96 -1.96
C ASN D 35 2.19 -12.63 -2.70
N ASN D 36 1.09 -11.93 -2.44
CA ASN D 36 0.77 -10.77 -3.26
C ASN D 36 1.43 -9.49 -2.77
N GLN D 37 1.37 -8.46 -3.64
CA GLN D 37 2.05 -7.20 -3.34
C GLN D 37 1.57 -6.62 -2.06
N MET D 38 0.25 -6.63 -1.85
CA MET D 38 -0.29 -6.16 -0.59
C MET D 38 0.41 -6.83 0.60
N SER D 39 0.50 -8.17 0.55
CA SER D 39 1.11 -8.96 1.62
C SER D 39 2.57 -8.62 1.80
N ILE D 40 3.33 -8.59 0.70
CA ILE D 40 4.75 -8.27 0.79
C ILE D 40 4.94 -6.89 1.43
N ASP D 41 4.19 -5.88 0.95
CA ASP D 41 4.37 -4.52 1.50
C ASP D 41 3.93 -4.44 2.96
N GLY D 42 2.86 -5.12 3.33
CA GLY D 42 2.32 -4.97 4.67
C GLY D 42 3.06 -5.73 5.76
N THR D 43 3.62 -6.91 5.43
CA THR D 43 4.32 -7.74 6.42
C THR D 43 5.83 -7.78 6.23
N ASN D 44 6.33 -7.50 5.02
CA ASN D 44 7.73 -7.73 4.68
C ASN D 44 8.13 -9.21 4.86
N PHE D 45 7.14 -10.12 4.83
CA PHE D 45 7.39 -11.56 4.64
C PHE D 45 7.18 -11.92 3.18
N VAL D 46 7.98 -12.86 2.68
CA VAL D 46 7.67 -13.52 1.42
C VAL D 46 7.23 -14.97 1.66
N TRP D 47 6.18 -15.38 0.97
CA TRP D 47 5.79 -16.78 0.84
C TRP D 47 6.56 -17.31 -0.34
N VAL D 48 7.37 -18.36 -0.12
CA VAL D 48 8.23 -18.86 -1.18
C VAL D 48 8.02 -20.34 -1.37
N LEU D 49 8.20 -20.76 -2.59
CA LEU D 49 8.37 -22.13 -3.01
C LEU D 49 9.82 -22.33 -3.41
N PRO D 50 10.42 -23.49 -3.13
CA PRO D 50 11.83 -23.68 -3.45
C PRO D 50 12.03 -24.01 -4.92
N ILE D 51 13.11 -23.48 -5.48
CA ILE D 51 13.54 -23.84 -6.82
C ILE D 51 14.70 -24.81 -6.67
N THR D 52 14.51 -26.06 -7.07
CA THR D 52 15.45 -27.14 -6.74
C THR D 52 16.24 -27.57 -7.98
N THR D 53 17.34 -28.30 -7.72
CA THR D 53 18.20 -28.84 -8.77
C THR D 53 17.93 -30.31 -9.08
N ARG D 54 17.02 -30.95 -8.37
CA ARG D 54 16.64 -32.33 -8.69
C ARG D 54 15.84 -32.37 -9.98
N GLY D 55 15.70 -33.54 -10.57
CA GLY D 55 14.92 -33.66 -11.81
C GLY D 55 13.43 -33.57 -11.58
N LEU D 56 12.66 -33.31 -12.63
CA LEU D 56 11.19 -33.25 -12.51
C LEU D 56 10.76 -34.65 -12.09
N ARG D 57 9.96 -34.79 -11.04
CA ARG D 57 9.57 -36.15 -10.62
C ARG D 57 8.07 -36.33 -10.34
N TYR D 58 7.28 -35.27 -10.23
CA TYR D 58 5.90 -35.42 -9.80
C TYR D 58 5.06 -34.47 -10.64
N PRO D 59 3.78 -34.77 -10.83
CA PRO D 59 2.91 -33.78 -11.47
C PRO D 59 2.70 -32.53 -10.65
N THR D 60 3.08 -32.51 -9.36
CA THR D 60 3.11 -31.26 -8.57
C THR D 60 4.33 -30.38 -8.91
N ASP D 61 5.39 -30.97 -9.45
CA ASP D 61 6.55 -30.19 -9.90
C ASP D 61 6.23 -29.34 -11.11
N ILE D 62 6.82 -28.14 -11.16
CA ILE D 62 6.71 -27.29 -12.34
C ILE D 62 8.11 -26.91 -12.80
N GLN D 63 8.46 -27.29 -14.03
CA GLN D 63 9.75 -26.85 -14.57
C GLN D 63 9.78 -25.33 -14.64
N LEU D 64 10.79 -24.70 -14.01
CA LEU D 64 10.86 -23.24 -13.94
C LEU D 64 11.17 -22.62 -15.31
N LYS D 65 10.55 -21.47 -15.59
CA LYS D 65 10.77 -20.74 -16.84
C LYS D 65 10.73 -19.29 -16.46
N THR D 66 11.78 -18.53 -16.82
CA THR D 66 11.90 -17.16 -16.34
C THR D 66 12.00 -16.20 -17.53
N LYS D 67 11.91 -14.91 -17.23
CA LYS D 67 11.89 -13.92 -18.28
C LYS D 67 13.29 -13.65 -18.82
N LYS D 68 14.30 -13.63 -17.95
CA LYS D 68 15.68 -13.33 -18.33
C LYS D 68 16.54 -14.59 -18.44
N GLY D 69 15.99 -15.78 -18.19
CA GLY D 69 16.75 -17.00 -18.26
C GLY D 69 17.90 -17.13 -17.27
N LEU D 70 17.92 -16.32 -16.20
CA LEU D 70 19.06 -16.34 -15.29
C LEU D 70 18.99 -17.41 -14.18
N VAL D 71 17.84 -18.06 -13.97
CA VAL D 71 17.68 -19.09 -12.94
C VAL D 71 16.94 -20.24 -13.59
N SER D 72 17.44 -21.44 -13.33
CA SER D 72 16.92 -22.67 -13.89
C SER D 72 16.67 -23.65 -12.73
N GLY D 73 15.69 -24.55 -12.90
CA GLY D 73 15.44 -25.57 -11.90
C GLY D 73 13.95 -25.93 -11.84
N VAL D 74 13.59 -26.66 -10.79
CA VAL D 74 12.27 -27.28 -10.68
C VAL D 74 11.58 -26.67 -9.46
N ILE D 75 10.42 -26.05 -9.69
CA ILE D 75 9.58 -25.51 -8.62
C ILE D 75 8.87 -26.69 -7.95
N ASP D 76 9.12 -26.86 -6.66
CA ASP D 76 8.45 -27.89 -5.86
C ASP D 76 7.28 -27.20 -5.19
N THR D 77 6.06 -27.40 -5.71
CA THR D 77 4.91 -26.68 -5.16
C THR D 77 4.41 -27.28 -3.84
N VAL D 78 4.94 -28.42 -3.41
CA VAL D 78 4.44 -29.04 -2.19
C VAL D 78 5.01 -28.38 -0.93
N GLN D 79 6.12 -27.66 -1.03
CA GLN D 79 6.72 -27.11 0.18
C GLN D 79 6.70 -25.59 0.10
N ILE D 80 6.31 -24.96 1.19
CA ILE D 80 6.21 -23.49 1.23
C ILE D 80 6.68 -23.00 2.60
N ARG D 81 7.21 -21.79 2.64
CA ARG D 81 7.58 -21.15 3.92
C ARG D 81 7.39 -19.64 3.80
N ALA D 82 7.20 -19.01 4.94
CA ALA D 82 7.09 -17.55 5.01
C ALA D 82 8.41 -17.06 5.63
N LEU D 83 9.19 -16.32 4.87
CA LEU D 83 10.49 -15.85 5.36
C LEU D 83 10.47 -14.36 5.61
N ASP D 84 11.07 -13.96 6.72
CA ASP D 84 11.19 -12.57 7.13
C ASP D 84 12.37 -11.91 6.39
N LEU D 85 12.07 -11.12 5.34
CA LEU D 85 13.11 -10.47 4.54
C LEU D 85 13.80 -9.30 5.25
N LYS D 86 13.36 -8.97 6.45
CA LYS D 86 14.10 -7.95 7.23
C LYS D 86 15.19 -8.66 8.05
N ALA D 87 15.19 -9.99 8.10
CA ALA D 87 16.17 -10.67 8.89
C ALA D 87 17.10 -11.53 8.05
N ARG D 88 16.95 -11.49 6.73
CA ARG D 88 17.70 -12.35 5.84
C ARG D 88 18.17 -11.52 4.66
N GLN D 89 19.43 -11.66 4.29
CA GLN D 89 19.88 -11.02 3.05
C GLN D 89 19.25 -11.72 1.87
N TYR D 90 18.86 -10.94 0.86
CA TYR D 90 18.27 -11.49 -0.34
C TYR D 90 18.72 -10.66 -1.54
N ASN D 91 18.54 -11.21 -2.73
CA ASN D 91 18.95 -10.63 -4.01
C ASN D 91 17.87 -10.96 -5.04
N TYR D 92 17.19 -9.94 -5.54
CA TYR D 92 16.36 -10.14 -6.71
C TYR D 92 17.21 -10.66 -7.86
N LYS D 93 16.75 -11.70 -8.54
CA LYS D 93 17.53 -12.23 -9.66
C LYS D 93 16.75 -12.28 -10.96
N ASP D 94 15.48 -12.68 -10.92
CA ASP D 94 14.74 -12.94 -12.14
C ASP D 94 13.23 -12.95 -11.82
N GLU D 95 12.42 -13.38 -12.79
CA GLU D 95 10.96 -13.23 -12.74
C GLU D 95 10.32 -14.42 -13.44
N LEU D 96 9.20 -14.90 -12.89
CA LEU D 96 8.49 -16.01 -13.52
C LEU D 96 7.88 -15.56 -14.86
N GLN D 97 7.90 -16.47 -15.86
CA GLN D 97 7.15 -16.25 -17.11
C GLN D 97 5.63 -16.30 -16.85
N ASP D 98 4.86 -15.47 -17.56
CA ASP D 98 3.42 -15.32 -17.29
C ASP D 98 2.64 -16.61 -17.55
N ASN D 99 2.99 -17.34 -18.60
CA ASN D 99 2.25 -18.56 -18.87
C ASN D 99 2.36 -19.59 -17.74
N LEU D 100 3.21 -19.36 -16.72
CA LEU D 100 3.29 -20.29 -15.59
C LEU D 100 2.57 -19.81 -14.35
N LYS D 101 2.31 -18.51 -14.25
CA LYS D 101 1.85 -17.98 -12.99
C LYS D 101 0.59 -18.67 -12.57
N ASN D 102 -0.29 -18.91 -13.50
CA ASN D 102 -1.61 -19.25 -13.07
C ASN D 102 -1.65 -20.69 -12.62
N ASP D 103 -0.83 -21.53 -13.27
CA ASP D 103 -0.60 -22.88 -12.81
C ASP D 103 -0.04 -22.93 -11.37
N ILE D 104 0.76 -21.94 -10.98
CA ILE D 104 1.33 -21.89 -9.64
C ILE D 104 0.22 -21.79 -8.62
N LEU D 105 -0.65 -20.80 -8.77
CA LEU D 105 -1.75 -20.63 -7.83
C LEU D 105 -2.74 -21.80 -7.90
N LYS D 106 -2.93 -22.43 -9.06
CA LYS D 106 -3.87 -23.53 -9.13
C LYS D 106 -3.33 -24.76 -8.44
N ALA D 107 -2.02 -25.01 -8.56
CA ALA D 107 -1.46 -26.13 -7.80
C ALA D 107 -1.66 -25.90 -6.31
N ILE D 108 -1.40 -24.68 -5.85
CA ILE D 108 -1.51 -24.39 -4.44
C ILE D 108 -2.94 -24.54 -3.97
N LYS D 109 -3.91 -24.09 -4.76
CA LYS D 109 -5.30 -24.21 -4.35
C LYS D 109 -5.76 -25.66 -4.34
N THR D 110 -5.15 -26.50 -5.17
CA THR D 110 -5.46 -27.91 -5.11
C THR D 110 -5.07 -28.54 -3.76
N TYR D 111 -4.10 -27.94 -3.03
CA TYR D 111 -3.73 -28.50 -1.71
C TYR D 111 -4.59 -27.94 -0.59
N LEU D 112 -5.28 -26.83 -0.83
CA LEU D 112 -6.08 -26.17 0.19
C LEU D 112 -7.57 -26.50 0.12
N LYS D 113 -8.11 -26.71 -1.06
CA LYS D 113 -9.55 -26.96 -1.23
C LYS D 113 -9.96 -28.25 -0.52
N PRO D 114 -10.94 -28.22 0.38
CA PRO D 114 -11.29 -29.45 1.15
C PRO D 114 -11.54 -30.65 0.24
N THR D 115 -11.01 -31.80 0.64
CA THR D 115 -11.18 -33.02 -0.15
C THR D 115 -12.60 -33.54 0.04
N SER E 3 -4.74 -43.34 18.86
CA SER E 3 -3.31 -43.68 18.84
C SER E 3 -2.87 -44.20 17.43
N HIS E 4 -3.73 -43.91 16.44
CA HIS E 4 -3.46 -44.18 15.03
C HIS E 4 -2.46 -43.19 14.43
N MET E 5 -2.35 -41.98 15.01
CA MET E 5 -1.41 -40.95 14.57
C MET E 5 -1.76 -40.36 13.18
N ASN E 6 -3.02 -40.48 12.72
CA ASN E 6 -3.47 -39.91 11.45
C ASN E 6 -4.12 -38.54 11.68
N ILE E 7 -3.99 -37.66 10.68
CA ILE E 7 -4.16 -36.21 10.80
C ILE E 7 -5.14 -35.74 9.72
N LYS E 8 -6.00 -34.77 10.05
CA LYS E 8 -6.99 -34.26 9.11
C LYS E 8 -6.83 -32.74 8.94
N GLN E 9 -7.36 -32.21 7.85
CA GLN E 9 -7.41 -30.77 7.66
C GLN E 9 -8.15 -30.11 8.81
N PHE E 10 -7.60 -29.01 9.31
CA PHE E 10 -8.10 -28.20 10.41
C PHE E 10 -7.92 -28.86 11.77
N ASP E 11 -7.20 -29.98 11.87
CA ASP E 11 -6.72 -30.39 13.20
C ASP E 11 -5.75 -29.35 13.75
N ILE E 12 -5.71 -29.28 15.06
CA ILE E 12 -4.67 -28.55 15.79
C ILE E 12 -3.72 -29.58 16.40
N LEU E 13 -2.45 -29.53 16.01
CA LEU E 13 -1.41 -30.45 16.44
C LEU E 13 -0.36 -29.68 17.21
N TYR E 14 0.22 -30.31 18.22
CA TYR E 14 1.47 -29.82 18.78
C TYR E 14 2.58 -30.47 17.96
N ILE E 15 3.50 -29.67 17.43
CA ILE E 15 4.53 -30.15 16.49
C ILE E 15 5.83 -29.54 16.94
N ASP E 16 6.91 -30.32 16.86
CA ASP E 16 8.27 -29.84 17.10
C ASP E 16 8.69 -29.03 15.88
N LEU E 17 8.70 -27.71 16.01
CA LEU E 17 9.07 -26.78 14.93
C LEU E 17 10.56 -26.52 14.88
N ASN E 18 11.35 -27.08 15.81
CA ASN E 18 12.78 -26.80 15.89
C ASN E 18 13.58 -27.53 14.82
N PRO E 19 14.77 -27.04 14.46
CA PRO E 19 15.55 -27.75 13.42
C PRO E 19 15.89 -29.17 13.89
N THR E 20 15.94 -30.11 12.94
CA THR E 20 16.06 -31.54 13.20
C THR E 20 17.48 -31.97 13.56
N ARG E 21 18.51 -31.22 13.18
CA ARG E 21 19.87 -31.46 13.68
C ARG E 21 20.50 -30.18 14.21
N GLY E 22 21.26 -30.36 15.30
CA GLY E 22 22.18 -29.38 15.85
C GLY E 22 21.66 -28.75 17.11
N ARG E 23 20.47 -29.15 17.53
CA ARG E 23 19.67 -28.39 18.48
C ARG E 23 19.25 -29.27 19.65
N GLU E 24 19.49 -28.76 20.87
CA GLU E 24 18.85 -29.30 22.07
C GLU E 24 17.34 -29.14 22.00
N LYS E 25 16.89 -27.99 21.50
CA LYS E 25 15.53 -27.51 21.75
C LYS E 25 14.52 -28.40 21.02
N HIS E 26 13.56 -28.94 21.78
CA HIS E 26 12.65 -29.95 21.28
C HIS E 26 11.23 -29.80 21.86
N ASN E 27 10.87 -28.61 22.36
CA ASN E 27 9.49 -28.33 22.74
C ASN E 27 8.57 -28.38 21.50
N VAL E 28 7.30 -28.68 21.73
CA VAL E 28 6.33 -28.68 20.63
C VAL E 28 5.42 -27.46 20.77
N ARG E 29 4.90 -26.97 19.62
CA ARG E 29 4.03 -25.79 19.64
C ARG E 29 2.76 -26.09 18.88
N PRO E 30 1.64 -25.43 19.23
CA PRO E 30 0.37 -25.71 18.55
C PRO E 30 0.32 -25.06 17.17
N CYS E 31 -0.19 -25.82 16.20
CA CYS E 31 -0.27 -25.43 14.79
C CYS E 31 -1.62 -25.88 14.23
N LEU E 32 -2.18 -25.05 13.36
CA LEU E 32 -3.41 -25.39 12.67
C LEU E 32 -3.08 -25.99 11.31
N VAL E 33 -3.53 -27.21 11.04
CA VAL E 33 -3.32 -27.87 9.74
C VAL E 33 -4.32 -27.29 8.74
N ILE E 34 -3.83 -26.85 7.56
CA ILE E 34 -4.71 -26.21 6.58
C ILE E 34 -4.66 -26.87 5.20
N ASN E 35 -3.71 -27.80 4.95
CA ASN E 35 -3.82 -28.50 3.66
C ASN E 35 -4.84 -29.62 3.74
N ASN E 36 -5.30 -30.09 2.57
CA ASN E 36 -6.42 -31.04 2.55
C ASN E 36 -5.98 -32.51 2.74
N GLN E 37 -6.99 -33.35 2.96
CA GLN E 37 -6.74 -34.77 3.21
C GLN E 37 -5.97 -35.42 2.08
N MET E 38 -6.32 -35.09 0.83
CA MET E 38 -5.59 -35.57 -0.32
C MET E 38 -4.08 -35.35 -0.18
N SER E 39 -3.69 -34.09 0.03
CA SER E 39 -2.27 -33.77 0.07
C SER E 39 -1.60 -34.32 1.34
N ILE E 40 -2.29 -34.33 2.48
CA ILE E 40 -1.69 -34.95 3.67
C ILE E 40 -1.39 -36.41 3.41
N ASP E 41 -2.37 -37.13 2.87
CA ASP E 41 -2.25 -38.56 2.61
C ASP E 41 -1.16 -38.83 1.57
N GLY E 42 -1.09 -37.99 0.55
CA GLY E 42 -0.16 -38.23 -0.52
C GLY E 42 1.27 -37.75 -0.33
N THR E 43 1.51 -36.82 0.62
CA THR E 43 2.86 -36.26 0.80
C THR E 43 3.48 -36.53 2.18
N ASN E 44 2.68 -36.87 3.19
CA ASN E 44 3.08 -36.89 4.62
C ASN E 44 3.50 -35.53 5.14
N PHE E 45 3.19 -34.46 4.41
CA PHE E 45 3.45 -33.11 4.88
C PHE E 45 2.13 -32.47 5.34
N VAL E 46 2.20 -31.62 6.35
CA VAL E 46 1.12 -30.70 6.66
C VAL E 46 1.61 -29.28 6.36
N TRP E 47 0.70 -28.47 5.84
CA TRP E 47 0.84 -27.03 5.81
C TRP E 47 0.12 -26.48 7.03
N VAL E 48 0.80 -25.65 7.80
CA VAL E 48 0.24 -25.23 9.07
C VAL E 48 0.35 -23.72 9.18
N LEU E 49 -0.51 -23.15 10.03
CA LEU E 49 -0.37 -21.79 10.54
C LEU E 49 -0.13 -21.87 12.01
N PRO E 50 0.88 -21.21 12.52
CA PRO E 50 1.23 -21.36 13.93
C PRO E 50 0.21 -20.65 14.80
N ILE E 51 0.06 -21.17 16.01
CA ILE E 51 -0.84 -20.61 16.99
C ILE E 51 0.04 -20.00 18.06
N THR E 52 -0.24 -18.74 18.42
CA THR E 52 0.60 -18.02 19.38
C THR E 52 -0.27 -17.24 20.37
N THR E 53 0.31 -16.88 21.49
CA THR E 53 -0.44 -16.12 22.49
C THR E 53 0.18 -14.77 22.79
N ARG E 54 0.86 -14.15 21.82
CA ARG E 54 1.51 -12.88 22.11
C ARG E 54 0.47 -11.79 22.38
N GLY E 55 0.92 -10.73 23.07
CA GLY E 55 0.06 -9.62 23.45
C GLY E 55 -0.36 -8.67 22.33
N LEU E 56 0.53 -8.38 21.36
CA LEU E 56 0.12 -7.54 20.24
C LEU E 56 -0.78 -8.28 19.26
N ARG E 57 -1.83 -7.58 18.78
CA ARG E 57 -2.88 -8.17 17.96
C ARG E 57 -2.88 -7.54 16.58
N TYR E 58 -2.66 -8.35 15.55
CA TYR E 58 -2.49 -7.84 14.21
C TYR E 58 -3.74 -8.04 13.40
N PRO E 59 -3.89 -7.32 12.27
CA PRO E 59 -5.01 -7.60 11.35
C PRO E 59 -4.95 -8.98 10.73
N THR E 60 -3.79 -9.59 10.69
CA THR E 60 -3.62 -10.93 10.14
C THR E 60 -3.86 -12.04 11.15
N ASP E 61 -4.13 -11.69 12.40
CA ASP E 61 -4.39 -12.68 13.44
C ASP E 61 -5.86 -13.05 13.41
N ILE E 62 -6.16 -14.32 13.67
CA ILE E 62 -7.53 -14.79 13.81
C ILE E 62 -7.63 -15.51 15.14
N GLN E 63 -8.56 -15.09 15.99
CA GLN E 63 -8.73 -15.74 17.29
C GLN E 63 -9.06 -17.22 17.10
N LEU E 64 -8.35 -18.08 17.82
CA LEU E 64 -8.57 -19.51 17.71
C LEU E 64 -9.86 -19.90 18.43
N LYS E 65 -10.72 -20.67 17.77
CA LYS E 65 -11.86 -21.32 18.41
C LYS E 65 -11.83 -22.81 18.07
N THR E 66 -11.88 -23.65 19.10
CA THR E 66 -11.74 -25.08 18.89
C THR E 66 -12.95 -25.84 19.45
N LYS E 67 -13.08 -27.10 19.01
CA LYS E 67 -14.21 -27.92 19.39
C LYS E 67 -14.13 -28.38 20.84
N LYS E 68 -12.93 -28.58 21.36
CA LYS E 68 -12.80 -29.12 22.71
C LYS E 68 -12.35 -28.04 23.69
N GLY E 69 -12.08 -26.83 23.20
CA GLY E 69 -11.64 -25.78 24.10
C GLY E 69 -10.29 -26.03 24.75
N LEU E 70 -9.45 -26.91 24.19
CA LEU E 70 -8.17 -27.25 24.83
C LEU E 70 -7.00 -26.38 24.40
N VAL E 71 -7.10 -25.66 23.29
CA VAL E 71 -6.02 -24.80 22.82
C VAL E 71 -6.56 -23.39 22.67
N SER E 72 -5.81 -22.40 23.15
CA SER E 72 -6.20 -21.01 22.98
C SER E 72 -5.05 -20.18 22.38
N GLY E 73 -5.36 -18.96 21.96
CA GLY E 73 -4.43 -18.03 21.35
C GLY E 73 -4.96 -17.57 20.01
N VAL E 74 -4.07 -17.06 19.15
CA VAL E 74 -4.47 -16.60 17.83
C VAL E 74 -3.69 -17.36 16.77
N ILE E 75 -4.34 -17.54 15.64
CA ILE E 75 -3.71 -18.07 14.44
C ILE E 75 -2.96 -16.94 13.73
N ASP E 76 -1.63 -17.09 13.59
CA ASP E 76 -0.80 -16.13 12.81
C ASP E 76 -0.86 -16.54 11.35
N THR E 77 -1.78 -15.92 10.58
CA THR E 77 -2.07 -16.41 9.23
C THR E 77 -0.98 -16.05 8.24
N VAL E 78 -0.03 -15.21 8.62
CA VAL E 78 1.08 -14.90 7.70
C VAL E 78 2.08 -16.06 7.59
N GLN E 79 2.27 -16.82 8.66
CA GLN E 79 3.47 -17.66 8.80
C GLN E 79 3.23 -19.11 8.38
N ILE E 80 2.81 -19.26 7.13
CA ILE E 80 2.51 -20.57 6.57
C ILE E 80 3.81 -21.37 6.47
N ARG E 81 3.72 -22.68 6.70
CA ARG E 81 4.93 -23.50 6.64
C ARG E 81 4.57 -24.94 6.30
N ALA E 82 5.32 -25.57 5.40
CA ALA E 82 5.16 -27.01 5.14
C ALA E 82 6.11 -27.83 6.03
N LEU E 83 5.54 -28.81 6.75
CA LEU E 83 6.32 -29.62 7.67
C LEU E 83 6.13 -31.09 7.31
N ASP E 84 7.23 -31.85 7.39
CA ASP E 84 7.22 -33.30 7.14
C ASP E 84 6.87 -34.04 8.45
N LEU E 85 5.69 -34.65 8.50
CA LEU E 85 5.28 -35.34 9.73
C LEU E 85 6.16 -36.59 10.02
N LYS E 86 6.86 -37.13 9.05
CA LYS E 86 7.80 -38.21 9.35
C LYS E 86 9.09 -37.69 9.97
N ALA E 87 9.29 -36.38 10.06
CA ALA E 87 10.55 -35.88 10.54
C ALA E 87 10.48 -35.22 11.89
N ARG E 88 9.28 -35.03 12.42
CA ARG E 88 9.13 -34.21 13.61
C ARG E 88 8.11 -34.86 14.56
N GLN E 89 8.36 -34.73 15.88
CA GLN E 89 7.35 -35.11 16.86
C GLN E 89 6.09 -34.32 16.61
N TYR E 90 4.94 -35.00 16.63
CA TYR E 90 3.66 -34.31 16.60
C TYR E 90 2.59 -35.10 17.35
N ASN E 91 1.55 -34.39 17.77
CA ASN E 91 0.46 -35.02 18.51
C ASN E 91 -0.82 -34.22 18.28
N TYR E 92 -1.89 -34.89 17.84
CA TYR E 92 -3.21 -34.31 17.78
C TYR E 92 -3.62 -33.75 19.13
N LYS E 93 -4.27 -32.59 19.14
CA LYS E 93 -4.76 -32.09 20.43
C LYS E 93 -6.22 -31.64 20.37
N ASP E 94 -6.65 -31.05 19.27
CA ASP E 94 -7.98 -30.44 19.23
C ASP E 94 -8.27 -30.25 17.75
N GLU E 95 -9.40 -29.62 17.45
CA GLU E 95 -9.62 -29.25 16.05
C GLU E 95 -10.46 -27.98 15.97
N LEU E 96 -10.36 -27.32 14.81
CA LEU E 96 -10.97 -26.01 14.62
C LEU E 96 -12.50 -26.13 14.60
N GLN E 97 -13.17 -25.16 15.21
CA GLN E 97 -14.63 -25.08 15.09
C GLN E 97 -15.05 -24.97 13.62
N ASP E 98 -16.14 -25.65 13.30
CA ASP E 98 -16.59 -25.72 11.92
C ASP E 98 -16.85 -24.34 11.33
N ASN E 99 -17.32 -23.40 12.13
CA ASN E 99 -17.74 -22.09 11.68
C ASN E 99 -16.57 -21.16 11.36
N LEU E 100 -15.32 -21.56 11.68
CA LEU E 100 -14.14 -20.78 11.30
C LEU E 100 -13.42 -21.33 10.06
N LYS E 101 -13.79 -22.51 9.56
CA LYS E 101 -13.01 -23.17 8.52
C LYS E 101 -12.99 -22.36 7.21
N ASN E 102 -14.15 -21.90 6.76
CA ASN E 102 -14.18 -21.10 5.51
C ASN E 102 -13.41 -19.79 5.68
N ASP E 103 -13.48 -19.17 6.86
CA ASP E 103 -12.72 -17.96 7.18
C ASP E 103 -11.21 -18.16 7.04
N ILE E 104 -10.70 -19.31 7.48
CA ILE E 104 -9.27 -19.57 7.35
C ILE E 104 -8.89 -19.67 5.89
N LEU E 105 -9.66 -20.43 5.11
CA LEU E 105 -9.29 -20.60 3.70
C LEU E 105 -9.45 -19.30 2.93
N LYS E 106 -10.41 -18.46 3.32
CA LYS E 106 -10.54 -17.14 2.70
C LYS E 106 -9.34 -16.26 3.03
N ALA E 107 -8.92 -16.29 4.28
CA ALA E 107 -7.76 -15.53 4.69
C ALA E 107 -6.54 -15.89 3.84
N ILE E 108 -6.27 -17.20 3.69
CA ILE E 108 -5.13 -17.64 2.88
C ILE E 108 -5.24 -17.12 1.44
N LYS E 109 -6.42 -17.25 0.83
CA LYS E 109 -6.57 -16.74 -0.53
C LYS E 109 -6.30 -15.24 -0.62
N THR E 110 -6.55 -14.48 0.44
CA THR E 110 -6.27 -13.05 0.35
C THR E 110 -4.78 -12.75 0.28
N TYR E 111 -3.90 -13.75 0.55
CA TYR E 111 -2.48 -13.49 0.38
C TYR E 111 -1.98 -13.87 -0.98
N LEU E 112 -2.71 -14.73 -1.68
CA LEU E 112 -2.34 -15.23 -2.98
C LEU E 112 -2.98 -14.44 -4.15
N LYS E 113 -4.15 -13.84 -3.96
CA LYS E 113 -4.81 -13.13 -5.09
C LYS E 113 -4.02 -11.87 -5.41
N PRO E 114 -3.57 -11.68 -6.65
CA PRO E 114 -2.80 -10.45 -6.98
C PRO E 114 -3.45 -9.18 -6.44
N THR E 115 -2.62 -8.26 -5.91
CA THR E 115 -2.96 -7.12 -5.00
C THR E 115 -4.29 -7.34 -4.30
N SER F 2 -5.91 -30.38 -17.07
CA SER F 2 -5.34 -29.23 -16.36
C SER F 2 -4.45 -29.68 -15.20
N ILE F 3 -3.68 -28.74 -14.64
CA ILE F 3 -2.78 -29.11 -13.56
C ILE F 3 -3.57 -29.59 -12.34
N GLU F 4 -4.67 -28.92 -12.00
CA GLU F 4 -5.56 -29.41 -10.95
C GLU F 4 -5.89 -30.87 -11.14
N ASP F 5 -6.14 -31.28 -12.39
CA ASP F 5 -6.59 -32.65 -12.61
C ASP F 5 -5.43 -33.65 -12.52
N ARG F 6 -4.28 -33.34 -13.11
CA ARG F 6 -3.11 -34.24 -12.99
C ARG F 6 -2.75 -34.48 -11.53
N ILE F 7 -2.82 -33.41 -10.73
CA ILE F 7 -2.46 -33.53 -9.30
C ILE F 7 -3.45 -34.41 -8.59
N LYS F 8 -4.76 -34.10 -8.73
CA LYS F 8 -5.78 -34.98 -8.12
C LYS F 8 -5.69 -36.43 -8.62
N ASN F 9 -5.52 -36.63 -9.95
CA ASN F 9 -5.51 -38.01 -10.47
C ASN F 9 -4.29 -38.75 -10.00
N PHE F 10 -3.17 -38.03 -9.94
CA PHE F 10 -1.92 -38.57 -9.39
C PHE F 10 -2.14 -39.09 -7.98
N PHE F 11 -2.70 -38.26 -7.10
CA PHE F 11 -2.88 -38.72 -5.73
C PHE F 11 -3.95 -39.79 -5.63
N GLN F 12 -5.05 -39.68 -6.39
CA GLN F 12 -6.12 -40.69 -6.25
C GLN F 12 -5.69 -42.08 -6.72
N SER F 13 -4.82 -42.14 -7.73
CA SER F 13 -3.98 -43.29 -8.08
C SER F 13 -3.28 -44.08 -6.97
N GLY F 14 -2.84 -43.41 -5.92
CA GLY F 14 -1.91 -44.01 -4.98
C GLY F 14 -0.48 -43.48 -5.09
N GLY F 15 -0.23 -42.55 -6.01
CA GLY F 15 1.08 -41.95 -6.13
C GLY F 15 1.44 -41.14 -4.89
N LYS F 16 2.72 -41.18 -4.54
CA LYS F 16 3.25 -40.59 -3.32
C LYS F 16 4.32 -39.56 -3.66
N TYR F 17 4.24 -38.39 -3.02
CA TYR F 17 5.36 -37.45 -2.97
C TYR F 17 6.26 -37.87 -1.82
N THR F 18 7.55 -38.14 -2.10
CA THR F 18 8.41 -38.72 -1.06
C THR F 18 9.68 -37.89 -0.77
N GLU F 19 9.66 -36.59 -1.00
CA GLU F 19 10.83 -35.75 -0.68
C GLU F 19 10.97 -35.47 0.83
N LEU F 20 12.19 -35.19 1.26
CA LEU F 20 12.43 -34.65 2.58
C LEU F 20 12.19 -33.14 2.57
N GLU F 21 12.07 -32.53 3.75
CA GLU F 21 11.97 -31.07 3.81
C GLU F 21 13.16 -30.47 3.11
N VAL F 22 12.92 -29.36 2.40
CA VAL F 22 14.06 -28.64 1.83
C VAL F 22 14.80 -27.92 2.94
N ASP F 23 15.94 -27.34 2.60
CA ASP F 23 16.99 -26.91 3.51
C ASP F 23 16.80 -25.47 4.01
N TRP F 24 15.66 -25.20 4.60
CA TRP F 24 15.22 -23.98 5.28
C TRP F 24 14.61 -24.18 6.64
N GLU F 25 15.21 -24.99 7.51
CA GLU F 25 14.58 -25.22 8.81
C GLU F 25 14.88 -24.17 9.88
N GLU F 26 15.86 -23.30 9.67
CA GLU F 26 16.20 -22.26 10.63
C GLU F 26 15.18 -21.13 10.56
N ARG F 27 14.80 -20.62 11.72
CA ARG F 27 13.87 -19.50 11.88
C ARG F 27 14.64 -18.31 12.43
N VAL F 28 14.52 -17.14 11.79
CA VAL F 28 15.20 -15.93 12.29
C VAL F 28 14.20 -14.78 12.31
N GLY F 29 14.59 -13.69 13.00
CA GLY F 29 13.78 -12.48 13.03
C GLY F 29 12.41 -12.77 13.58
N ARG F 30 11.38 -12.39 12.83
CA ARG F 30 10.00 -12.49 13.32
C ARG F 30 9.38 -13.87 13.05
N GLU F 31 10.17 -14.80 12.54
CA GLU F 31 9.62 -16.07 12.06
C GLU F 31 9.29 -16.93 13.25
N ILE F 32 8.14 -17.56 13.20
CA ILE F 32 7.80 -18.59 14.17
C ILE F 32 7.25 -19.75 13.33
N MET G 5 9.08 4.02 3.04
CA MET G 5 10.44 4.28 3.48
C MET G 5 10.96 3.10 4.30
N ASN G 6 12.20 3.18 4.78
CA ASN G 6 12.72 2.06 5.57
C ASN G 6 12.22 2.10 7.02
N ILE G 7 11.52 3.15 7.43
CA ILE G 7 11.09 3.35 8.81
C ILE G 7 9.91 2.46 9.12
N LYS G 8 9.87 1.89 10.32
CA LYS G 8 8.70 1.14 10.73
C LYS G 8 8.20 1.60 12.10
N GLN G 9 7.02 1.10 12.47
CA GLN G 9 6.44 1.38 13.78
C GLN G 9 7.36 1.00 14.93
N PHE G 10 7.49 1.90 15.90
CA PHE G 10 8.35 1.75 17.09
C PHE G 10 9.85 1.90 16.82
N ASP G 11 10.24 2.33 15.62
CA ASP G 11 11.60 2.80 15.43
C ASP G 11 11.86 4.09 16.23
N ILE G 12 13.11 4.29 16.58
CA ILE G 12 13.56 5.53 17.25
C ILE G 12 14.45 6.27 16.29
N LEU G 13 14.05 7.50 15.94
CA LEU G 13 14.75 8.34 14.96
C LEU G 13 15.28 9.58 15.65
N TYR G 14 16.49 10.04 15.31
CA TYR G 14 16.84 11.45 15.49
C TYR G 14 16.23 12.24 14.35
N ILE G 15 15.51 13.31 14.67
CA ILE G 15 14.85 14.15 13.65
C ILE G 15 15.28 15.59 13.92
N ASP G 16 15.62 16.34 12.87
CA ASP G 16 15.91 17.75 13.05
C ASP G 16 14.56 18.48 13.25
N LEU G 17 14.29 18.88 14.50
CA LEU G 17 13.01 19.50 14.80
C LEU G 17 12.94 20.95 14.37
N ASN G 18 14.04 21.56 13.97
CA ASN G 18 14.00 22.96 13.54
C ASN G 18 14.98 23.21 12.39
N PRO G 19 14.68 22.71 11.20
CA PRO G 19 15.67 22.77 10.12
C PRO G 19 15.87 24.16 9.53
N THR G 20 14.86 25.05 9.51
CA THR G 20 15.05 26.34 8.82
C THR G 20 15.48 27.47 9.76
N ARG G 21 15.37 27.29 11.07
CA ARG G 21 15.62 28.37 12.02
C ARG G 21 16.73 27.99 13.00
N GLY G 22 17.50 29.00 13.39
CA GLY G 22 18.38 28.80 14.53
C GLY G 22 19.70 28.17 14.12
N ARG G 23 20.45 27.76 15.12
CA ARG G 23 21.73 27.10 14.88
C ARG G 23 21.56 25.81 14.06
N GLU G 24 22.59 25.52 13.25
CA GLU G 24 22.59 24.31 12.43
C GLU G 24 22.59 23.03 13.26
N LYS G 25 21.59 22.18 12.98
CA LYS G 25 21.47 20.88 13.65
C LYS G 25 21.57 21.04 15.14
N HIS G 26 20.91 22.05 15.66
CA HIS G 26 20.92 22.34 17.11
C HIS G 26 19.76 21.65 17.84
N ASN G 27 18.64 21.40 17.18
CA ASN G 27 17.50 20.84 17.85
C ASN G 27 17.20 19.47 17.19
N VAL G 28 18.12 18.52 17.34
CA VAL G 28 18.01 17.19 16.72
C VAL G 28 17.73 16.22 17.86
N ARG G 29 16.48 15.70 17.95
CA ARG G 29 16.03 15.00 19.14
C ARG G 29 15.54 13.60 18.80
N PRO G 30 15.61 12.68 19.76
CA PRO G 30 15.07 11.34 19.56
C PRO G 30 13.56 11.30 19.72
N CYS G 31 12.93 10.61 18.79
CA CYS G 31 11.47 10.53 18.69
C CYS G 31 11.09 9.08 18.45
N LEU G 32 9.99 8.64 19.08
CA LEU G 32 9.48 7.28 18.94
C LEU G 32 8.36 7.26 17.89
N VAL G 33 8.57 6.53 16.78
CA VAL G 33 7.57 6.44 15.72
C VAL G 33 6.44 5.53 16.18
N ILE G 34 5.18 5.98 16.06
CA ILE G 34 4.11 5.12 16.54
C ILE G 34 3.02 4.86 15.51
N ASN G 35 3.05 5.47 14.33
CA ASN G 35 2.08 5.02 13.31
C ASN G 35 2.63 3.79 12.57
N ASN G 36 1.74 3.05 11.89
CA ASN G 36 2.14 1.78 11.31
C ASN G 36 2.75 1.96 9.91
N GLN G 37 3.29 0.84 9.41
CA GLN G 37 3.95 0.74 8.11
C GLN G 37 3.14 1.33 6.98
N MET G 38 1.87 0.95 6.89
CA MET G 38 1.03 1.44 5.80
C MET G 38 0.89 2.95 5.85
N SER G 39 0.65 3.49 7.04
CA SER G 39 0.53 4.95 7.19
C SER G 39 1.84 5.63 6.81
N ILE G 40 2.98 5.11 7.30
CA ILE G 40 4.29 5.73 7.02
C ILE G 40 4.58 5.66 5.51
N ASP G 41 4.41 4.48 4.91
CA ASP G 41 4.64 4.33 3.47
C ASP G 41 3.64 5.12 2.63
N GLY G 42 2.38 5.18 3.06
CA GLY G 42 1.38 5.90 2.30
C GLY G 42 1.46 7.43 2.36
N THR G 43 1.96 7.99 3.47
CA THR G 43 1.99 9.45 3.62
C THR G 43 3.39 10.05 3.73
N ASN G 44 4.41 9.25 4.08
CA ASN G 44 5.75 9.73 4.45
C ASN G 44 5.72 10.77 5.60
N PHE G 45 4.70 10.67 6.46
CA PHE G 45 4.67 11.29 7.78
C PHE G 45 4.91 10.22 8.83
N VAL G 46 5.62 10.57 9.91
CA VAL G 46 5.67 9.73 11.09
C VAL G 46 4.87 10.40 12.20
N TRP G 47 4.12 9.60 12.91
CA TRP G 47 3.52 10.02 14.19
C TRP G 47 4.56 9.71 15.25
N VAL G 48 4.97 10.72 16.03
CA VAL G 48 6.06 10.51 16.98
C VAL G 48 5.62 10.97 18.37
N LEU G 49 6.11 10.24 19.36
CA LEU G 49 6.17 10.66 20.78
C LEU G 49 7.58 11.10 21.13
N PRO G 50 7.75 12.14 21.94
CA PRO G 50 9.10 12.62 22.27
C PRO G 50 9.74 11.73 23.30
N ILE G 51 11.04 11.54 23.14
CA ILE G 51 11.83 10.83 24.13
C ILE G 51 12.63 11.89 24.89
N THR G 52 12.33 12.09 26.17
CA THR G 52 12.78 13.31 26.86
C THR G 52 13.87 12.94 27.85
N THR G 53 14.63 13.93 28.31
CA THR G 53 15.62 13.66 29.34
C THR G 53 15.17 14.02 30.74
N ARG G 54 13.93 14.46 30.91
CA ARG G 54 13.46 14.67 32.28
C ARG G 54 13.21 13.33 32.94
N GLY G 55 13.04 13.36 34.27
CA GLY G 55 12.75 12.16 35.01
C GLY G 55 11.33 11.69 34.77
N LEU G 56 11.11 10.45 35.16
CA LEU G 56 9.78 9.85 35.15
C LEU G 56 8.90 10.56 36.20
N ARG G 57 7.73 11.08 35.79
CA ARG G 57 6.91 11.92 36.68
C ARG G 57 5.45 11.49 36.75
N TYR G 58 4.92 10.77 35.76
CA TYR G 58 3.51 10.47 35.64
C TYR G 58 3.33 9.01 35.22
N PRO G 59 2.19 8.39 35.56
CA PRO G 59 1.83 7.08 34.99
C PRO G 59 1.68 7.09 33.47
N THR G 60 1.55 8.24 32.84
CA THR G 60 1.56 8.36 31.38
C THR G 60 2.97 8.22 30.80
N ASP G 61 3.98 8.40 31.62
CA ASP G 61 5.37 8.28 31.16
C ASP G 61 5.74 6.81 31.02
N ILE G 62 6.59 6.50 30.06
CA ILE G 62 7.15 5.14 29.99
C ILE G 62 8.66 5.23 29.86
N GLN G 63 9.37 4.52 30.74
CA GLN G 63 10.85 4.48 30.62
C GLN G 63 11.24 3.80 29.30
N LEU G 64 12.03 4.48 28.46
CA LEU G 64 12.45 3.90 27.18
C LEU G 64 13.36 2.67 27.41
N LYS G 65 13.03 1.54 26.77
CA LYS G 65 13.99 0.43 26.64
C LYS G 65 14.07 0.06 25.16
N THR G 66 15.29 -0.11 24.66
CA THR G 66 15.55 -0.33 23.25
C THR G 66 16.29 -1.65 23.02
N LYS G 67 16.26 -2.09 21.77
CA LYS G 67 16.91 -3.34 21.39
C LYS G 67 18.42 -3.19 21.35
N LYS G 68 18.95 -2.03 20.96
CA LYS G 68 20.40 -1.90 20.93
C LYS G 68 20.95 -1.10 22.11
N GLY G 69 20.10 -0.52 22.97
CA GLY G 69 20.70 0.19 24.09
C GLY G 69 21.33 1.50 23.69
N LEU G 70 21.02 2.01 22.50
CA LEU G 70 21.71 3.20 22.02
C LEU G 70 21.00 4.52 22.38
N VAL G 71 19.78 4.47 22.84
CA VAL G 71 19.05 5.68 23.23
C VAL G 71 18.39 5.40 24.57
N SER G 72 18.38 6.41 25.46
CA SER G 72 17.79 6.32 26.76
C SER G 72 16.90 7.55 27.01
N GLY G 73 15.91 7.44 27.88
CA GLY G 73 15.07 8.59 28.16
C GLY G 73 13.68 8.16 28.54
N VAL G 74 12.80 9.13 28.61
CA VAL G 74 11.45 8.89 29.09
C VAL G 74 10.48 9.21 27.96
N ILE G 75 9.63 8.25 27.59
CA ILE G 75 8.64 8.52 26.55
C ILE G 75 7.47 9.25 27.20
N ASP G 76 7.18 10.45 26.70
CA ASP G 76 6.03 11.22 27.17
C ASP G 76 4.86 10.90 26.25
N THR G 77 3.93 10.02 26.67
CA THR G 77 2.86 9.59 25.75
C THR G 77 1.75 10.64 25.55
N VAL G 78 1.79 11.77 26.27
CA VAL G 78 0.71 12.77 26.18
C VAL G 78 0.94 13.72 25.01
N GLN G 79 2.13 13.80 24.47
CA GLN G 79 2.41 14.76 23.42
C GLN G 79 2.74 14.00 22.14
N ILE G 80 2.15 14.39 21.04
CA ILE G 80 2.30 13.63 19.78
C ILE G 80 2.31 14.66 18.69
N ARG G 81 3.04 14.35 17.63
CA ARG G 81 3.06 15.20 16.42
C ARG G 81 3.23 14.34 15.18
N ALA G 82 2.79 14.88 14.06
CA ALA G 82 2.97 14.23 12.75
C ALA G 82 3.97 15.04 11.95
N LEU G 83 5.15 14.44 11.65
CA LEU G 83 6.25 15.16 11.04
C LEU G 83 6.47 14.68 9.60
N ASP G 84 6.72 15.61 8.69
CA ASP G 84 6.90 15.32 7.26
C ASP G 84 8.35 14.86 7.02
N LEU G 85 8.58 13.56 6.88
CA LEU G 85 10.00 13.17 6.72
C LEU G 85 10.55 13.43 5.31
N LYS G 86 9.76 13.92 4.38
CA LYS G 86 10.34 14.47 3.15
C LYS G 86 10.92 15.87 3.37
N ALA G 87 10.63 16.54 4.47
CA ALA G 87 11.12 17.90 4.66
C ALA G 87 12.04 18.03 5.86
N ARG G 88 12.37 16.92 6.50
CA ARG G 88 13.25 17.01 7.66
C ARG G 88 14.32 15.95 7.55
N GLN G 89 15.57 16.28 7.90
CA GLN G 89 16.58 15.22 8.05
C GLN G 89 16.31 14.36 9.27
N TYR G 90 16.58 13.07 9.14
CA TYR G 90 16.29 12.14 10.21
C TYR G 90 17.27 10.99 10.09
N ASN G 91 17.45 10.28 11.19
CA ASN G 91 18.29 9.10 11.15
C ASN G 91 17.72 8.03 12.06
N TYR G 92 17.45 6.85 11.48
CA TYR G 92 17.14 5.69 12.31
C TYR G 92 18.27 5.45 13.29
N LYS G 93 17.94 5.29 14.57
CA LYS G 93 18.98 5.04 15.55
C LYS G 93 18.81 3.74 16.31
N ASP G 94 17.57 3.35 16.65
CA ASP G 94 17.34 2.19 17.51
C ASP G 94 15.88 1.81 17.35
N GLU G 95 15.42 0.87 18.18
CA GLU G 95 14.02 0.52 18.11
C GLU G 95 13.57 0.01 19.45
N LEU G 96 12.29 0.26 19.74
CA LEU G 96 11.69 -0.07 21.01
C LEU G 96 11.71 -1.57 21.26
N GLN G 97 12.03 -2.00 22.49
CA GLN G 97 11.85 -3.40 22.86
C GLN G 97 10.42 -3.85 22.67
N ASP G 98 10.26 -5.11 22.23
CA ASP G 98 8.95 -5.68 21.94
C ASP G 98 8.02 -5.67 23.17
N ASN G 99 8.57 -5.88 24.35
CA ASN G 99 7.74 -5.95 25.55
C ASN G 99 7.11 -4.60 25.94
N LEU G 100 7.45 -3.47 25.29
CA LEU G 100 6.83 -2.17 25.61
C LEU G 100 5.81 -1.74 24.57
N LYS G 101 5.66 -2.46 23.44
CA LYS G 101 4.86 -1.91 22.36
C LYS G 101 3.41 -1.85 22.74
N ASN G 102 2.90 -2.90 23.40
CA ASN G 102 1.47 -2.88 23.71
C ASN G 102 1.13 -1.78 24.72
N ASP G 103 2.00 -1.55 25.71
CA ASP G 103 1.76 -0.45 26.65
C ASP G 103 1.68 0.92 25.97
N ILE G 104 2.56 1.16 25.00
CA ILE G 104 2.50 2.41 24.25
C ILE G 104 1.12 2.55 23.62
N LEU G 105 0.66 1.51 22.90
CA LEU G 105 -0.63 1.64 22.19
C LEU G 105 -1.80 1.69 23.16
N LYS G 106 -1.70 0.98 24.28
CA LYS G 106 -2.79 1.03 25.26
C LYS G 106 -2.87 2.40 25.90
N ALA G 107 -1.72 3.05 26.17
CA ALA G 107 -1.76 4.40 26.74
C ALA G 107 -2.47 5.36 25.78
N ILE G 108 -2.14 5.27 24.50
CA ILE G 108 -2.72 6.21 23.56
C ILE G 108 -4.22 5.98 23.40
N LYS G 109 -4.65 4.71 23.40
CA LYS G 109 -6.09 4.44 23.32
C LYS G 109 -6.82 5.00 24.52
N THR G 110 -6.15 5.05 25.66
CA THR G 110 -6.75 5.57 26.90
C THR G 110 -7.08 7.06 26.76
N TYR G 111 -6.35 7.78 25.92
CA TYR G 111 -6.64 9.22 25.69
C TYR G 111 -7.71 9.41 24.63
N LEU G 112 -8.00 8.39 23.84
CA LEU G 112 -8.97 8.52 22.72
C LEU G 112 -10.35 7.92 23.04
N LYS G 113 -10.43 6.88 23.84
CA LYS G 113 -11.75 6.27 24.12
C LYS G 113 -12.62 7.36 24.76
N PRO G 114 -13.88 7.53 24.34
CA PRO G 114 -14.70 8.66 24.78
C PRO G 114 -14.96 9.16 26.21
N THR G 115 -14.94 8.34 27.26
CA THR G 115 -15.25 8.79 28.65
C THR G 115 -16.76 9.05 28.85
N SER H 3 -18.19 33.56 29.10
CA SER H 3 -17.81 32.18 28.69
C SER H 3 -16.76 31.47 29.61
N HIS H 4 -16.95 30.15 29.76
CA HIS H 4 -16.17 29.33 30.70
C HIS H 4 -14.87 28.80 30.09
N MET H 5 -14.76 28.82 28.74
CA MET H 5 -13.57 28.39 27.99
C MET H 5 -13.25 26.89 28.17
N ASN H 6 -14.23 26.06 28.60
CA ASN H 6 -14.09 24.60 28.70
C ASN H 6 -14.41 23.88 27.37
N ILE H 7 -13.66 22.81 27.13
CA ILE H 7 -13.52 22.16 25.83
C ILE H 7 -13.88 20.69 26.02
N LYS H 8 -14.54 20.09 25.02
CA LYS H 8 -14.85 18.66 25.09
C LYS H 8 -14.42 17.94 23.80
N GLN H 9 -14.35 16.61 23.89
CA GLN H 9 -14.07 15.78 22.71
C GLN H 9 -15.06 16.07 21.57
N PHE H 10 -14.51 16.20 20.36
CA PHE H 10 -15.21 16.46 19.12
C PHE H 10 -15.70 17.89 19.01
N ASP H 11 -15.25 18.78 19.89
CA ASP H 11 -15.42 20.21 19.61
C ASP H 11 -14.52 20.65 18.46
N ILE H 12 -14.94 21.69 17.79
CA ILE H 12 -14.17 22.34 16.78
C ILE H 12 -13.80 23.71 17.32
N LEU H 13 -12.49 23.90 17.53
CA LEU H 13 -11.90 25.15 18.03
C LEU H 13 -11.14 25.85 16.92
N TYR H 14 -11.12 27.17 16.96
CA TYR H 14 -10.10 27.94 16.27
C TYR H 14 -8.94 28.08 17.24
N ILE H 15 -7.74 27.72 16.80
CA ILE H 15 -6.61 27.66 17.74
C ILE H 15 -5.46 28.26 16.98
N ASP H 16 -4.64 29.06 17.67
CA ASP H 16 -3.39 29.60 17.13
C ASP H 16 -2.36 28.48 17.02
N LEU H 17 -2.06 28.06 15.80
CA LEU H 17 -1.12 26.94 15.57
C LEU H 17 0.33 27.39 15.37
N ASN H 18 0.56 28.71 15.39
CA ASN H 18 1.87 29.29 15.14
C ASN H 18 2.83 29.15 16.32
N PRO H 19 4.16 29.18 16.06
CA PRO H 19 5.12 29.10 17.18
C PRO H 19 4.90 30.23 18.18
N THR H 20 5.11 29.92 19.45
CA THR H 20 4.75 30.82 20.55
C THR H 20 5.69 32.01 20.75
N ARG H 21 6.90 32.02 20.19
CA ARG H 21 7.52 33.32 19.94
C ARG H 21 8.53 33.17 18.79
N GLY H 22 9.16 34.29 18.43
CA GLY H 22 9.91 34.44 17.21
C GLY H 22 9.08 34.88 16.02
N ARG H 23 7.76 34.68 16.07
CA ARG H 23 6.91 34.86 14.92
C ARG H 23 5.81 35.88 15.25
N GLU H 24 5.53 36.79 14.32
CA GLU H 24 4.40 37.68 14.56
C GLU H 24 3.07 37.10 14.09
N LYS H 25 3.10 36.01 13.32
CA LYS H 25 1.87 35.42 12.80
C LYS H 25 1.01 34.86 13.94
N HIS H 26 -0.28 35.23 13.98
CA HIS H 26 -1.11 34.90 15.14
C HIS H 26 -2.55 34.58 14.70
N ASN H 27 -2.78 34.29 13.42
CA ASN H 27 -4.10 33.87 13.00
C ASN H 27 -4.43 32.51 13.61
N VAL H 28 -5.72 32.21 13.75
CA VAL H 28 -6.17 30.95 14.29
C VAL H 28 -6.76 30.10 13.17
N ARG H 29 -6.64 28.78 13.31
CA ARG H 29 -7.15 27.83 12.31
C ARG H 29 -8.08 26.82 12.96
N PRO H 30 -9.12 26.33 12.27
CA PRO H 30 -10.03 25.35 12.87
C PRO H 30 -9.39 23.96 13.01
N CYS H 31 -9.70 23.30 14.13
CA CYS H 31 -9.14 22.01 14.54
C CYS H 31 -10.24 21.23 15.21
N LEU H 32 -10.22 19.93 14.98
CA LEU H 32 -11.15 19.02 15.62
C LEU H 32 -10.46 18.40 16.81
N VAL H 33 -11.07 18.54 17.99
CA VAL H 33 -10.51 17.95 19.21
C VAL H 33 -10.87 16.46 19.23
N ILE H 34 -9.88 15.59 19.39
CA ILE H 34 -10.14 14.16 19.37
C ILE H 34 -9.71 13.44 20.64
N ASN H 35 -8.99 14.07 21.60
CA ASN H 35 -8.79 13.31 22.82
C ASN H 35 -10.01 13.48 23.74
N ASN H 36 -10.09 12.63 24.76
CA ASN H 36 -11.30 12.53 25.57
C ASN H 36 -11.28 13.53 26.73
N GLN H 37 -12.43 13.61 27.43
CA GLN H 37 -12.60 14.59 28.50
C GLN H 37 -11.62 14.33 29.63
N MET H 38 -11.44 13.06 29.98
CA MET H 38 -10.47 12.71 31.00
C MET H 38 -9.12 13.35 30.71
N SER H 39 -8.63 13.20 29.47
CA SER H 39 -7.27 13.70 29.26
C SER H 39 -7.26 15.21 29.05
N ILE H 40 -8.27 15.77 28.39
CA ILE H 40 -8.32 17.24 28.36
C ILE H 40 -8.28 17.82 29.79
N ASP H 41 -9.15 17.33 30.68
CA ASP H 41 -9.20 17.89 32.06
C ASP H 41 -7.93 17.60 32.83
N GLY H 42 -7.30 16.44 32.55
CA GLY H 42 -6.10 16.05 33.27
C GLY H 42 -4.82 16.72 32.81
N THR H 43 -4.75 17.16 31.55
CA THR H 43 -3.47 17.64 31.00
C THR H 43 -3.49 19.08 30.51
N ASN H 44 -4.66 19.67 30.26
CA ASN H 44 -4.79 20.94 29.56
C ASN H 44 -4.33 20.90 28.12
N PHE H 45 -4.11 19.72 27.54
CA PHE H 45 -3.74 19.58 26.13
C PHE H 45 -4.95 19.06 25.37
N VAL H 46 -5.11 19.52 24.13
CA VAL H 46 -6.00 18.87 23.19
C VAL H 46 -5.13 18.15 22.15
N TRP H 47 -5.55 16.94 21.78
CA TRP H 47 -5.09 16.31 20.53
C TRP H 47 -6.05 16.72 19.42
N VAL H 48 -5.53 17.30 18.32
CA VAL H 48 -6.40 17.82 17.27
C VAL H 48 -6.00 17.22 15.93
N LEU H 49 -6.97 17.15 15.03
CA LEU H 49 -6.78 17.06 13.59
C LEU H 49 -7.16 18.36 12.97
N PRO H 50 -6.35 18.90 12.08
CA PRO H 50 -6.64 20.20 11.51
C PRO H 50 -7.68 20.12 10.41
N ILE H 51 -8.41 21.22 10.28
CA ILE H 51 -9.44 21.33 9.25
C ILE H 51 -8.92 22.26 8.17
N THR H 52 -9.11 21.86 6.91
CA THR H 52 -8.59 22.66 5.82
C THR H 52 -9.59 22.69 4.67
N THR H 53 -9.46 23.73 3.86
CA THR H 53 -10.30 23.91 2.69
C THR H 53 -9.53 23.84 1.37
N ARG H 54 -8.33 23.23 1.34
CA ARG H 54 -7.56 23.12 0.09
C ARG H 54 -8.35 22.36 -0.99
N GLY H 55 -8.00 22.62 -2.26
CA GLY H 55 -8.73 22.03 -3.38
C GLY H 55 -8.60 20.52 -3.47
N LEU H 56 -7.38 19.99 -3.34
CA LEU H 56 -7.15 18.55 -3.52
C LEU H 56 -7.80 17.76 -2.37
N ARG H 57 -8.36 16.59 -2.68
CA ARG H 57 -8.99 15.73 -1.70
C ARG H 57 -8.31 14.36 -1.69
N TYR H 58 -7.88 13.93 -0.51
CA TYR H 58 -7.10 12.72 -0.35
C TYR H 58 -7.95 11.64 0.30
N PRO H 59 -7.55 10.38 0.18
CA PRO H 59 -8.29 9.32 0.86
C PRO H 59 -8.26 9.47 2.36
N THR H 60 -7.27 10.19 2.91
CA THR H 60 -7.13 10.38 4.35
C THR H 60 -7.97 11.56 4.85
N ASP H 61 -8.59 12.31 3.96
CA ASP H 61 -9.48 13.41 4.34
C ASP H 61 -10.86 12.86 4.68
N ILE H 62 -11.53 13.48 5.66
CA ILE H 62 -12.91 13.15 6.00
C ILE H 62 -13.71 14.46 5.93
N GLN H 63 -14.74 14.49 5.09
CA GLN H 63 -15.55 15.69 4.95
C GLN H 63 -16.14 16.12 6.29
N LEU H 64 -15.99 17.40 6.63
CA LEU H 64 -16.45 17.89 7.91
C LEU H 64 -17.97 18.09 7.89
N LYS H 65 -18.66 17.59 8.90
CA LYS H 65 -20.05 17.94 9.13
C LYS H 65 -20.18 18.30 10.60
N THR H 66 -20.87 19.41 10.89
CA THR H 66 -20.93 19.97 12.22
C THR H 66 -22.40 20.20 12.61
N LYS H 67 -22.63 20.30 13.92
CA LYS H 67 -23.98 20.50 14.45
C LYS H 67 -24.55 21.88 14.11
N LYS H 68 -23.74 22.92 14.04
CA LYS H 68 -24.23 24.26 13.74
C LYS H 68 -23.94 24.71 12.32
N GLY H 69 -23.25 23.89 11.52
CA GLY H 69 -22.95 24.35 10.16
C GLY H 69 -22.06 25.57 10.06
N LEU H 70 -21.29 25.93 11.09
CA LEU H 70 -20.48 27.15 11.05
C LEU H 70 -19.08 26.94 10.46
N VAL H 71 -18.64 25.71 10.25
CA VAL H 71 -17.28 25.44 9.82
C VAL H 71 -17.37 24.43 8.71
N SER H 72 -16.69 24.68 7.60
CA SER H 72 -16.66 23.75 6.50
C SER H 72 -15.20 23.37 6.16
N GLY H 73 -15.04 22.34 5.32
CA GLY H 73 -13.76 21.88 4.86
C GLY H 73 -13.62 20.41 5.13
N VAL H 74 -12.38 19.91 5.11
CA VAL H 74 -12.17 18.50 5.41
C VAL H 74 -11.25 18.38 6.63
N ILE H 75 -11.38 17.27 7.32
CA ILE H 75 -10.49 16.93 8.42
C ILE H 75 -9.29 16.18 7.83
N ASP H 76 -8.08 16.69 8.03
CA ASP H 76 -6.88 16.02 7.54
C ASP H 76 -6.47 15.03 8.63
N THR H 77 -6.85 13.76 8.46
CA THR H 77 -6.65 12.84 9.59
C THR H 77 -5.20 12.37 9.77
N VAL H 78 -4.28 12.73 8.87
CA VAL H 78 -2.86 12.37 9.07
C VAL H 78 -2.16 13.28 10.10
N GLN H 79 -2.58 14.54 10.20
CA GLN H 79 -1.75 15.54 10.89
C GLN H 79 -2.16 15.77 12.36
N ILE H 80 -2.12 14.69 13.13
CA ILE H 80 -2.46 14.75 14.54
C ILE H 80 -1.43 15.62 15.26
N ARG H 81 -1.89 16.35 16.28
CA ARG H 81 -1.00 17.23 17.03
C ARG H 81 -1.51 17.48 18.45
N ALA H 82 -0.60 17.45 19.42
CA ALA H 82 -0.93 17.77 20.82
C ALA H 82 -0.60 19.24 21.06
N LEU H 83 -1.60 20.02 21.53
CA LEU H 83 -1.42 21.46 21.71
C LEU H 83 -1.78 21.84 23.14
N ASP H 84 -0.99 22.71 23.76
CA ASP H 84 -1.24 23.13 25.16
C ASP H 84 -2.26 24.27 25.13
N LEU H 85 -3.47 24.06 25.65
CA LEU H 85 -4.43 25.16 25.63
C LEU H 85 -4.03 26.31 26.57
N LYS H 86 -3.12 26.08 27.52
CA LYS H 86 -2.64 27.22 28.31
C LYS H 86 -1.68 28.11 27.51
N ALA H 87 -1.19 27.68 26.35
CA ALA H 87 -0.11 28.38 25.66
C ALA H 87 -0.58 29.12 24.40
N ARG H 88 -1.81 28.90 23.96
CA ARG H 88 -2.24 29.36 22.63
C ARG H 88 -3.64 29.92 22.72
N GLN H 89 -3.91 30.97 21.96
CA GLN H 89 -5.28 31.46 21.80
C GLN H 89 -6.18 30.34 21.26
N TYR H 90 -7.34 30.17 21.86
CA TYR H 90 -8.28 29.25 21.24
C TYR H 90 -9.71 29.72 21.50
N ASN H 91 -10.64 29.28 20.67
CA ASN H 91 -12.06 29.61 20.91
C ASN H 91 -12.97 28.51 20.33
N TYR H 92 -13.87 27.98 21.15
CA TYR H 92 -14.92 27.08 20.65
C TYR H 92 -15.70 27.71 19.50
N LYS H 93 -16.00 26.91 18.47
CA LYS H 93 -16.84 27.46 17.40
C LYS H 93 -17.99 26.53 17.03
N ASP H 94 -17.79 25.22 17.07
CA ASP H 94 -18.79 24.28 16.59
C ASP H 94 -18.44 22.94 17.19
N GLU H 95 -19.15 21.91 16.76
CA GLU H 95 -18.77 20.56 17.18
C GLU H 95 -19.24 19.58 16.15
N LEU H 96 -18.63 18.40 16.18
CA LEU H 96 -18.84 17.41 15.14
C LEU H 96 -20.22 16.79 15.28
N GLN H 97 -20.87 16.52 14.12
CA GLN H 97 -22.09 15.72 14.16
C GLN H 97 -21.83 14.38 14.79
N ASP H 98 -22.80 13.93 15.60
CA ASP H 98 -22.69 12.64 16.28
C ASP H 98 -22.43 11.49 15.33
N ASN H 99 -22.97 11.57 14.12
CA ASN H 99 -22.88 10.43 13.22
C ASN H 99 -21.49 10.26 12.61
N LEU H 100 -20.59 11.27 12.72
CA LEU H 100 -19.21 11.18 12.23
C LEU H 100 -18.21 10.74 13.31
N LYS H 101 -18.62 10.67 14.59
CA LYS H 101 -17.67 10.51 15.69
C LYS H 101 -16.96 9.16 15.61
N ASN H 102 -17.73 8.06 15.45
CA ASN H 102 -17.10 6.75 15.36
C ASN H 102 -16.15 6.64 14.18
N ASP H 103 -16.50 7.26 13.05
CA ASP H 103 -15.64 7.28 11.87
C ASP H 103 -14.29 7.93 12.15
N ILE H 104 -14.27 9.02 12.92
CA ILE H 104 -12.98 9.67 13.25
C ILE H 104 -12.11 8.72 14.06
N LEU H 105 -12.69 8.13 15.10
CA LEU H 105 -11.87 7.28 15.97
C LEU H 105 -11.41 6.02 15.24
N LYS H 106 -12.26 5.50 14.36
CA LYS H 106 -11.88 4.37 13.53
C LYS H 106 -10.74 4.75 12.60
N ALA H 107 -10.79 5.96 12.02
CA ALA H 107 -9.71 6.43 11.18
C ALA H 107 -8.39 6.49 11.96
N ILE H 108 -8.43 7.10 13.16
CA ILE H 108 -7.21 7.20 13.98
C ILE H 108 -6.67 5.82 14.30
N LYS H 109 -7.56 4.88 14.67
CA LYS H 109 -7.10 3.53 15.01
C LYS H 109 -6.39 2.84 13.85
N THR H 110 -6.78 3.16 12.59
CA THR H 110 -6.14 2.43 11.48
C THR H 110 -4.71 2.85 11.31
N TYR H 111 -4.34 4.08 11.74
CA TYR H 111 -2.95 4.49 11.67
C TYR H 111 -2.13 3.89 12.77
N LEU H 112 -2.77 3.51 13.90
CA LEU H 112 -2.04 3.03 15.08
C LEU H 112 -1.94 1.50 15.14
N LYS H 113 -2.84 0.81 14.47
CA LYS H 113 -2.94 -0.63 14.61
C LYS H 113 -1.62 -1.30 14.23
N PRO H 114 -1.03 -2.11 15.09
CA PRO H 114 0.25 -2.74 14.75
C PRO H 114 0.06 -3.84 13.71
N THR H 115 1.14 -4.11 12.99
CA THR H 115 1.18 -5.20 12.03
C THR H 115 2.40 -6.07 12.27
N LEU H 116 2.33 -7.30 11.78
CA LEU H 116 3.46 -8.19 11.84
C LEU H 116 4.72 -7.49 11.24
N LYS I 1 -1.36 -4.11 37.90
CA LYS I 1 -2.41 -3.20 37.36
C LYS I 1 -2.04 -2.90 35.91
N SER I 2 -2.98 -2.85 34.99
CA SER I 2 -2.66 -2.51 33.59
C SER I 2 -2.34 -1.01 33.44
N ILE I 3 -1.62 -0.63 32.40
CA ILE I 3 -1.29 0.81 32.18
C ILE I 3 -2.58 1.62 31.99
N GLU I 4 -3.57 1.09 31.30
CA GLU I 4 -4.85 1.82 31.12
C GLU I 4 -5.48 2.08 32.48
N ASP I 5 -5.49 1.10 33.36
CA ASP I 5 -6.09 1.26 34.70
C ASP I 5 -5.31 2.29 35.51
N ARG I 6 -3.99 2.26 35.45
CA ARG I 6 -3.15 3.21 36.21
C ARG I 6 -3.41 4.63 35.71
N ILE I 7 -3.49 4.81 34.39
CA ILE I 7 -3.70 6.13 33.83
C ILE I 7 -5.08 6.65 34.17
N LYS I 8 -6.10 5.80 34.02
CA LYS I 8 -7.44 6.24 34.37
C LYS I 8 -7.54 6.57 35.87
N ASN I 9 -7.02 5.70 36.71
CA ASN I 9 -7.09 5.94 38.16
C ASN I 9 -6.29 7.18 38.54
N PHE I 10 -5.18 7.45 37.83
CA PHE I 10 -4.39 8.65 38.09
C PHE I 10 -5.22 9.90 37.83
N PHE I 11 -5.82 9.99 36.62
CA PHE I 11 -6.60 11.18 36.30
C PHE I 11 -7.87 11.26 37.15
N GLN I 12 -8.52 10.12 37.42
CA GLN I 12 -9.77 10.16 38.20
C GLN I 12 -9.55 10.56 39.66
N SER I 13 -8.37 10.31 40.22
CA SER I 13 -8.01 10.77 41.56
C SER I 13 -7.75 12.28 41.61
N GLY I 14 -7.70 12.97 40.48
CA GLY I 14 -7.29 14.36 40.45
C GLY I 14 -5.85 14.59 40.04
N GLY I 15 -5.10 13.55 39.65
CA GLY I 15 -3.75 13.75 39.19
C GLY I 15 -3.70 14.65 37.98
N LYS I 16 -2.62 15.44 37.88
CA LYS I 16 -2.47 16.42 36.80
C LYS I 16 -1.14 16.22 36.07
N TYR I 17 -1.19 16.30 34.75
CA TYR I 17 0.02 16.44 33.92
C TYR I 17 0.27 17.92 33.73
N THR I 18 1.49 18.40 34.05
CA THR I 18 1.76 19.83 34.01
C THR I 18 2.95 20.23 33.12
N GLU I 19 3.24 19.53 32.03
CA GLU I 19 4.42 19.92 31.26
C GLU I 19 4.07 20.97 30.22
N LEU I 20 5.05 21.77 29.83
CA LEU I 20 4.81 22.58 28.64
C LEU I 20 4.94 21.72 27.36
N GLU I 21 4.56 22.32 26.22
CA GLU I 21 4.76 21.69 24.91
C GLU I 21 6.25 21.38 24.72
N VAL I 22 6.57 20.22 24.14
CA VAL I 22 7.97 19.91 23.86
C VAL I 22 8.42 20.75 22.67
N ASP I 23 9.71 20.73 22.38
CA ASP I 23 10.37 21.70 21.51
C ASP I 23 10.33 21.32 20.02
N TRP I 24 9.12 21.13 19.51
CA TRP I 24 8.74 20.91 18.10
C TRP I 24 7.66 21.82 17.57
N GLU I 25 7.76 23.12 17.85
CA GLU I 25 6.77 24.11 17.40
C GLU I 25 6.78 24.34 15.90
N GLU I 26 7.93 24.21 15.23
CA GLU I 26 7.98 24.68 13.85
C GLU I 26 7.30 23.68 12.91
N ARG I 27 6.63 24.19 11.88
CA ARG I 27 6.02 23.37 10.83
C ARG I 27 6.78 23.59 9.53
N VAL I 28 7.19 22.49 8.85
CA VAL I 28 7.86 22.59 7.55
C VAL I 28 7.19 21.67 6.53
N GLY I 29 7.56 21.84 5.25
CA GLY I 29 7.08 20.88 4.25
C GLY I 29 5.55 20.85 4.16
N ARG I 30 4.97 19.66 4.22
CA ARG I 30 3.53 19.51 4.10
C ARG I 30 2.78 19.67 5.43
N GLU I 31 3.49 19.97 6.53
CA GLU I 31 2.86 20.02 7.85
C GLU I 31 1.99 21.27 7.96
N ILE I 32 0.79 21.06 8.47
CA ILE I 32 -0.16 22.12 8.86
C ILE I 32 -0.61 21.75 10.27
#